data_6DEO
#
_entry.id   6DEO
#
_cell.length_a   174.905
_cell.length_b   174.905
_cell.length_c   176.926
_cell.angle_alpha   90.00
_cell.angle_beta   90.00
_cell.angle_gamma   120.00
#
_symmetry.space_group_name_H-M   'P 62 2 2'
#
loop_
_entity.id
_entity.type
_entity.pdbx_description
1 polymer 'Acetolactate synthase'
2 non-polymer 'FLAVIN-ADENINE DINUCLEOTIDE'
3 non-polymer 'POTASSIUM ION'
4 non-polymer 'MAGNESIUM ION'
5 non-polymer '(3Z)-4-{[(4-AMINO-2-METHYLPYRIMIDIN-5-YL)METHYL]AMINO}-3-MERCAPTOPENT-3-EN-1-YL TRIHYDROGEN DIPHOSPHATE'
6 non-polymer 'methyl 2-{[(4-iodo-6-methoxypyrimidin-2-yl)carbamoyl]sulfamoyl}benzoate'
7 non-polymer 'CARBON DIOXIDE'
8 water water
#
_entity_poly.entity_id   1
_entity_poly.type   'polypeptide(L)'
_entity_poly.pdbx_seq_one_letter_code
;MHHHHHHSSGLVPRGSGMKETAAAKFERQHMDSPDLGTDDDDKAMAFNTADTSTQPIINDPTLNKHQSSAISRKKKEQLM
DDSFIGLTGGEIFHEMMLRHKVDTVFGYAGGAILPVFDAIYNSDKFKFVLPRHEQGAGHMAEGYARASGKPGVVLVTSGP
GATNVITPMADALMDGVPLVVFSGQVPTTAIGTDAFQEADIVGISRSCTKWNVMVKNVAELPRRINEAFEIATTGRPGPV
LVDLPKDVTASILRESIPINTTLPSNALSQITKKAVSEFTSEAIKRAANILNKAKKPIIYAGAGILNNEQGPKLLKELAD
KANIPVTTTLQGLGAFDQRDPKSLDMLGMHGSAAANTAIQNADCIIALGARFDDRVTGNISKFAPEAKLAASEGRGGILH
FEISPKNINKVVEATEAIEGDVTANLQSFIPLVDSIENRPEWFNKINEWKKKYPYSYQLETPGSLIKPQTLIKEISDQAQ
TYNKEVIVTTGVGQHQMWAAQHFTWTQPRTMITSGGLGTMGYGLPAAIGAQVAKPDAIVIDIDGDASFNMTLTELSSAVQ
AGAPIKVCVLNNEEQGMVTQWQSLFYEHRYSHTHQSNPDFMKLAESMNVKGIRITNQQELKSGVKEFLDATEPVLLEVIV
EKKVPVLPMVPAGKALDDFILWDAEVEKQQNDLRKERTGGKY
;
_entity_poly.pdbx_strand_id   A
#
loop_
_chem_comp.id
_chem_comp.type
_chem_comp.name
_chem_comp.formula
CO2 non-polymer 'CARBON DIOXIDE' 'C O2'
FAD non-polymer 'FLAVIN-ADENINE DINUCLEOTIDE' 'C27 H33 N9 O15 P2'
H4V non-polymer 'methyl 2-{[(4-iodo-6-methoxypyrimidin-2-yl)carbamoyl]sulfamoyl}benzoate' 'C14 H13 I N4 O6 S'
K non-polymer 'POTASSIUM ION' 'K 1'
MG non-polymer 'MAGNESIUM ION' 'Mg 2'
TP9 non-polymer '(3Z)-4-{[(4-AMINO-2-METHYLPYRIMIDIN-5-YL)METHYL]AMINO}-3-MERCAPTOPENT-3-EN-1-YL TRIHYDROGEN DIPHOSPHATE' 'C11 H18 N4 O7 P2 S -2'
#
# COMPACT_ATOMS: atom_id res chain seq x y z
N GLN A 78 13.84 41.72 10.63
CA GLN A 78 12.57 41.61 9.91
C GLN A 78 12.50 40.32 9.08
N LEU A 79 13.61 39.99 8.42
CA LEU A 79 13.73 38.74 7.69
C LEU A 79 14.44 37.68 8.54
N MET A 80 14.99 38.10 9.68
CA MET A 80 15.63 37.18 10.61
C MET A 80 14.71 36.92 11.80
N ASP A 81 14.81 35.72 12.36
CA ASP A 81 13.96 35.38 13.50
C ASP A 81 14.83 34.95 14.68
N ASP A 82 14.57 35.51 15.86
CA ASP A 82 15.33 35.10 17.02
C ASP A 82 14.49 34.35 18.05
N SER A 83 13.27 33.97 17.66
CA SER A 83 12.36 33.38 18.63
C SER A 83 12.80 31.97 19.06
N PHE A 84 13.73 31.35 18.34
CA PHE A 84 14.21 30.01 18.75
C PHE A 84 15.51 30.08 19.57
N ILE A 85 16.08 31.27 19.72
CA ILE A 85 17.35 31.41 20.44
C ILE A 85 17.14 30.98 21.90
N GLY A 86 18.04 30.16 22.42
CA GLY A 86 17.90 29.67 23.77
C GLY A 86 17.28 28.29 23.86
N LEU A 87 16.69 27.82 22.75
CA LEU A 87 16.12 26.46 22.68
C LEU A 87 17.17 25.44 22.30
N THR A 88 17.03 24.20 22.81
CA THR A 88 17.87 23.11 22.33
C THR A 88 17.38 22.67 20.95
N GLY A 89 18.24 21.99 20.21
CA GLY A 89 17.82 21.35 18.98
C GLY A 89 16.60 20.46 19.22
N GLY A 90 16.54 19.74 20.34
CA GLY A 90 15.39 18.90 20.62
C GLY A 90 14.09 19.71 20.77
N GLU A 91 14.17 20.81 21.50
CA GLU A 91 13.04 21.73 21.65
C GLU A 91 12.62 22.35 20.31
N ILE A 92 13.61 22.64 19.47
CA ILE A 92 13.31 23.18 18.14
C ILE A 92 12.59 22.11 17.33
N PHE A 93 13.07 20.88 17.42
CA PHE A 93 12.38 19.78 16.74
C PHE A 93 10.91 19.72 17.14
N HIS A 94 10.67 19.82 18.44
CA HIS A 94 9.32 19.72 18.97
C HIS A 94 8.43 20.83 18.39
N GLU A 95 8.93 22.05 18.42
CA GLU A 95 8.21 23.18 17.86
C GLU A 95 7.95 23.04 16.34
N MET A 96 8.93 22.56 15.58
CA MET A 96 8.70 22.34 14.16
C MET A 96 7.67 21.24 13.88
N MET A 97 7.59 20.21 14.73
CA MET A 97 6.53 19.23 14.57
C MET A 97 5.15 19.89 14.63
N LEU A 98 4.96 20.75 15.63
CA LEU A 98 3.75 21.52 15.77
C LEU A 98 3.45 22.34 14.52
N ARG A 99 4.46 23.05 14.06
CA ARG A 99 4.25 23.92 12.90
C ARG A 99 3.92 23.09 11.66
N HIS A 100 4.36 21.85 11.63
CA HIS A 100 4.03 21.01 10.48
C HIS A 100 2.73 20.24 10.71
N LYS A 101 2.00 20.58 11.78
CA LYS A 101 0.72 19.95 12.08
C LYS A 101 0.86 18.44 12.27
N VAL A 102 1.98 18.01 12.83
CA VAL A 102 2.15 16.60 13.12
C VAL A 102 1.28 16.25 14.33
N ASP A 103 0.37 15.29 14.22
CA ASP A 103 -0.42 14.97 15.39
C ASP A 103 -0.06 13.61 15.98
N THR A 104 0.81 12.88 15.30
CA THR A 104 1.23 11.55 15.73
C THR A 104 2.68 11.30 15.39
N VAL A 105 3.44 10.76 16.35
CA VAL A 105 4.82 10.35 16.08
C VAL A 105 4.96 8.87 16.50
N PHE A 106 5.59 8.06 15.64
CA PHE A 106 5.85 6.64 15.95
C PHE A 106 7.34 6.51 16.22
N GLY A 107 7.74 5.95 17.35
CA GLY A 107 9.17 5.90 17.59
C GLY A 107 9.59 5.14 18.83
N TYR A 108 10.88 5.18 19.12
CA TYR A 108 11.45 4.28 20.13
C TYR A 108 12.75 4.95 20.56
N ALA A 109 12.99 5.01 21.86
CA ALA A 109 14.10 5.80 22.36
C ALA A 109 15.44 5.08 22.27
N GLY A 110 16.51 5.81 22.59
CA GLY A 110 17.84 5.26 22.68
C GLY A 110 18.81 6.39 22.99
N GLY A 111 20.05 6.06 23.31
CA GLY A 111 21.00 7.06 23.78
C GLY A 111 21.19 8.29 22.89
N ALA A 112 21.34 8.11 21.57
CA ALA A 112 21.71 9.21 20.70
C ALA A 112 20.56 10.19 20.50
N ILE A 113 19.33 9.73 20.71
CA ILE A 113 18.15 10.54 20.42
C ILE A 113 17.53 11.07 21.73
N LEU A 114 18.19 10.80 22.87
CA LEU A 114 17.65 11.29 24.16
C LEU A 114 17.35 12.81 24.25
N PRO A 115 18.18 13.68 23.65
CA PRO A 115 17.83 15.11 23.78
C PRO A 115 16.50 15.46 23.12
N VAL A 116 16.12 14.71 22.09
CA VAL A 116 14.84 14.94 21.44
C VAL A 116 13.73 14.34 22.30
N PHE A 117 13.96 13.13 22.80
CA PHE A 117 12.94 12.53 23.67
C PHE A 117 12.72 13.38 24.91
N ASP A 118 13.78 14.02 25.41
CA ASP A 118 13.58 14.86 26.58
C ASP A 118 12.71 16.08 26.24
N ALA A 119 12.92 16.64 25.06
CA ALA A 119 12.13 17.79 24.65
C ALA A 119 10.65 17.46 24.44
N ILE A 120 10.35 16.25 23.99
CA ILE A 120 8.95 15.91 23.70
C ILE A 120 8.29 15.21 24.90
N TYR A 121 9.03 15.12 26.01
CA TYR A 121 8.52 14.51 27.23
C TYR A 121 7.17 15.08 27.65
N ASN A 122 6.18 14.20 27.83
CA ASN A 122 4.83 14.59 28.19
C ASN A 122 4.22 15.67 27.30
N SER A 123 4.60 15.72 26.03
CA SER A 123 4.02 16.69 25.14
C SER A 123 2.53 16.42 24.97
N ASP A 124 1.69 17.46 25.04
CA ASP A 124 0.28 17.24 24.71
C ASP A 124 0.00 17.73 23.29
N LYS A 125 1.04 17.94 22.49
CA LYS A 125 0.88 18.48 21.14
C LYS A 125 0.69 17.39 20.09
N PHE A 126 1.12 16.17 20.36
CA PHE A 126 0.85 15.07 19.43
C PHE A 126 0.78 13.79 20.24
N LYS A 127 0.23 12.74 19.62
CA LYS A 127 0.19 11.42 20.24
C LYS A 127 1.49 10.74 19.92
N PHE A 128 2.11 10.08 20.89
CA PHE A 128 3.30 9.28 20.60
C PHE A 128 2.92 7.82 20.64
N VAL A 129 3.37 7.06 19.66
CA VAL A 129 3.03 5.64 19.60
C VAL A 129 4.30 4.81 19.67
N LEU A 130 4.37 3.96 20.69
CA LEU A 130 5.55 3.16 20.95
C LEU A 130 5.33 1.73 20.45
N PRO A 131 6.12 1.29 19.48
CA PRO A 131 6.03 -0.10 18.99
C PRO A 131 6.89 -1.01 19.88
N ARG A 132 7.13 -2.24 19.48
CA ARG A 132 8.08 -3.11 20.17
C ARG A 132 9.39 -3.15 19.41
N HIS A 133 9.36 -2.76 18.14
CA HIS A 133 10.53 -2.85 17.22
C HIS A 133 10.41 -1.66 16.27
N GLU A 134 11.52 -1.06 15.89
CA GLU A 134 11.46 0.12 15.01
C GLU A 134 10.89 -0.22 13.62
N GLN A 135 11.01 -1.46 13.19
CA GLN A 135 10.33 -1.85 11.94
C GLN A 135 8.84 -1.63 12.10
N GLY A 136 8.33 -2.00 13.27
CA GLY A 136 6.94 -1.70 13.64
C GLY A 136 6.60 -0.22 13.54
N ALA A 137 7.42 0.65 14.15
CA ALA A 137 7.20 2.10 14.02
C ALA A 137 7.15 2.51 12.54
N GLY A 138 8.07 1.98 11.75
CA GLY A 138 8.09 2.36 10.34
C GLY A 138 6.82 1.94 9.61
N HIS A 139 6.39 0.69 9.78
CA HIS A 139 5.17 0.25 9.07
C HIS A 139 3.93 0.89 9.64
N MET A 140 3.93 1.18 10.92
CA MET A 140 2.82 1.92 11.51
C MET A 140 2.69 3.29 10.88
N ALA A 141 3.82 3.97 10.72
CA ALA A 141 3.81 5.29 10.14
C ALA A 141 3.33 5.20 8.68
N GLU A 142 3.69 4.13 7.99
CA GLU A 142 3.18 3.96 6.63
C GLU A 142 1.67 3.77 6.61
N GLY A 143 1.16 2.92 7.50
CA GLY A 143 -0.29 2.70 7.60
C GLY A 143 -1.01 4.01 7.93
N TYR A 144 -0.44 4.76 8.85
CA TYR A 144 -0.96 6.06 9.24
C TYR A 144 -1.04 7.01 8.02
N ALA A 145 0.05 7.08 7.27
CA ALA A 145 0.13 7.98 6.14
C ALA A 145 -0.85 7.59 5.05
N ARG A 146 -0.98 6.29 4.80
CA ARG A 146 -1.87 5.87 3.71
C ARG A 146 -3.32 6.08 4.11
N ALA A 147 -3.62 5.93 5.39
CA ALA A 147 -4.99 6.14 5.83
C ALA A 147 -5.36 7.62 5.90
N SER A 148 -4.40 8.47 6.26
CA SER A 148 -4.69 9.87 6.54
C SER A 148 -4.37 10.83 5.40
N GLY A 149 -3.49 10.43 4.49
CA GLY A 149 -2.95 11.36 3.53
C GLY A 149 -1.94 12.36 4.09
N LYS A 150 -1.55 12.20 5.34
CA LYS A 150 -0.50 13.03 5.96
C LYS A 150 0.81 12.24 6.02
N PRO A 151 1.94 12.93 6.16
CA PRO A 151 3.20 12.16 6.27
C PRO A 151 3.27 11.38 7.60
N GLY A 152 3.84 10.19 7.55
CA GLY A 152 4.01 9.37 8.75
C GLY A 152 5.38 9.73 9.36
N VAL A 153 5.38 10.13 10.63
CA VAL A 153 6.63 10.62 11.23
C VAL A 153 7.21 9.57 12.18
N VAL A 154 8.50 9.26 12.01
CA VAL A 154 9.18 8.21 12.75
C VAL A 154 10.35 8.85 13.51
N LEU A 155 10.55 8.44 14.74
CA LEU A 155 11.62 9.04 15.56
C LEU A 155 12.34 7.88 16.24
N VAL A 156 13.58 7.61 15.85
CA VAL A 156 14.29 6.45 16.37
C VAL A 156 15.72 6.84 16.75
N THR A 157 16.42 5.93 17.41
CA THR A 157 17.78 6.26 17.84
C THR A 157 18.78 5.89 16.76
N SER A 158 20.06 6.11 17.06
CA SER A 158 21.13 5.77 16.12
C SER A 158 21.33 4.26 15.94
N GLY A 159 22.26 3.91 15.05
CA GLY A 159 22.70 2.53 14.95
C GLY A 159 21.57 1.57 14.60
N PRO A 160 21.31 0.59 15.49
CA PRO A 160 20.32 -0.41 15.13
C PRO A 160 18.91 0.16 15.13
N GLY A 161 18.67 1.26 15.85
CA GLY A 161 17.36 1.87 15.82
C GLY A 161 17.07 2.35 14.40
N ALA A 162 18.12 2.87 13.75
CA ALA A 162 18.00 3.44 12.42
C ALA A 162 18.03 2.35 11.35
N THR A 163 18.93 1.38 11.48
CA THR A 163 18.97 0.34 10.47
C THR A 163 17.68 -0.50 10.50
N ASN A 164 17.01 -0.56 11.66
CA ASN A 164 15.74 -1.28 11.73
C ASN A 164 14.60 -0.62 10.95
N VAL A 165 14.79 0.62 10.49
N VAL A 165 14.75 0.62 10.50
CA VAL A 165 13.74 1.29 9.72
CA VAL A 165 13.67 1.19 9.70
C VAL A 165 13.99 1.16 8.21
C VAL A 165 14.04 1.23 8.22
N ILE A 166 15.06 0.47 7.84
CA ILE A 166 15.41 0.37 6.41
C ILE A 166 14.32 -0.37 5.59
N THR A 167 13.79 -1.47 6.08
CA THR A 167 12.74 -2.14 5.29
C THR A 167 11.50 -1.24 5.11
N PRO A 168 11.00 -0.62 6.19
CA PRO A 168 9.90 0.31 5.98
C PRO A 168 10.21 1.49 5.03
N MET A 169 11.43 2.03 5.07
CA MET A 169 11.78 3.05 4.08
C MET A 169 11.76 2.50 2.64
N ALA A 170 12.39 1.34 2.39
CA ALA A 170 12.37 0.75 1.04
C ALA A 170 10.92 0.50 0.63
N ASP A 171 10.12 0.06 1.59
CA ASP A 171 8.71 -0.20 1.35
C ASP A 171 7.97 1.08 0.92
N ALA A 172 8.19 2.16 1.68
CA ALA A 172 7.54 3.45 1.42
C ALA A 172 7.96 4.01 0.08
N LEU A 173 9.25 3.81 -0.24
CA LEU A 173 9.75 4.28 -1.53
C LEU A 173 9.01 3.57 -2.69
N MET A 174 8.92 2.24 -2.64
CA MET A 174 8.29 1.49 -3.74
C MET A 174 6.78 1.79 -3.84
N ASP A 175 6.11 2.11 -2.73
CA ASP A 175 4.66 2.36 -2.77
C ASP A 175 4.28 3.85 -2.70
N GLY A 176 5.27 4.75 -2.74
CA GLY A 176 4.95 6.16 -2.81
C GLY A 176 4.31 6.70 -1.54
N VAL A 177 4.88 6.33 -0.39
CA VAL A 177 4.32 6.67 0.91
C VAL A 177 5.15 7.77 1.58
N PRO A 178 4.54 8.90 1.95
CA PRO A 178 5.27 10.01 2.56
C PRO A 178 5.65 9.67 4.00
N LEU A 179 6.91 9.39 4.19
CA LEU A 179 7.43 8.95 5.47
C LEU A 179 8.55 9.94 5.85
N VAL A 180 8.52 10.49 7.05
CA VAL A 180 9.60 11.39 7.44
C VAL A 180 10.31 10.73 8.65
N VAL A 181 11.51 10.22 8.41
CA VAL A 181 12.20 9.42 9.43
C VAL A 181 13.28 10.29 10.06
N PHE A 182 13.21 10.45 11.37
CA PHE A 182 14.22 11.16 12.14
C PHE A 182 15.01 10.15 12.94
N SER A 183 16.30 10.02 12.65
CA SER A 183 17.14 9.05 13.35
C SER A 183 18.21 9.80 14.17
N GLY A 184 18.34 9.43 15.43
CA GLY A 184 19.45 9.95 16.23
C GLY A 184 20.75 9.47 15.61
N GLN A 185 21.83 10.18 15.92
CA GLN A 185 23.16 9.81 15.42
C GLN A 185 24.12 10.12 16.54
N VAL A 186 25.26 9.42 16.56
CA VAL A 186 26.31 9.72 17.52
C VAL A 186 26.77 11.18 17.30
N PRO A 187 27.40 11.80 18.33
CA PRO A 187 27.83 13.20 18.21
C PRO A 187 28.69 13.43 16.98
N THR A 188 28.65 14.63 16.40
CA THR A 188 29.51 14.91 15.26
C THR A 188 30.99 14.60 15.57
N THR A 189 31.40 14.73 16.82
CA THR A 189 32.78 14.46 17.20
C THR A 189 33.16 12.96 17.15
N ALA A 190 32.16 12.09 17.00
CA ALA A 190 32.40 10.64 16.97
C ALA A 190 32.10 10.03 15.59
N ILE A 191 31.48 10.81 14.69
CA ILE A 191 31.10 10.28 13.38
C ILE A 191 32.37 9.83 12.61
N GLY A 192 32.30 8.67 11.98
CA GLY A 192 33.44 8.17 11.22
C GLY A 192 34.49 7.45 12.04
N THR A 193 34.21 7.12 13.30
CA THR A 193 35.22 6.49 14.17
C THR A 193 34.83 5.06 14.53
N ASP A 194 33.80 4.54 13.86
CA ASP A 194 33.15 3.27 14.22
C ASP A 194 32.69 3.36 15.67
N ALA A 195 31.98 4.44 15.96
CA ALA A 195 31.56 4.76 17.32
C ALA A 195 30.51 3.79 17.84
N PHE A 196 30.35 3.80 19.15
CA PHE A 196 29.24 3.08 19.78
C PHE A 196 27.90 3.39 19.12
N GLN A 197 27.19 2.36 18.64
CA GLN A 197 25.90 2.51 17.94
C GLN A 197 25.92 3.47 16.76
N GLU A 198 27.04 3.51 16.05
CA GLU A 198 27.15 4.32 14.86
C GLU A 198 26.88 3.49 13.60
N ALA A 199 25.86 3.89 12.85
CA ALA A 199 25.66 3.37 11.52
C ALA A 199 25.76 4.52 10.54
N ASP A 200 26.29 4.26 9.35
CA ASP A 200 26.23 5.22 8.25
C ASP A 200 24.81 5.22 7.61
N ILE A 201 23.83 5.71 8.35
CA ILE A 201 22.46 5.57 7.87
C ILE A 201 22.19 6.45 6.65
N VAL A 202 22.88 7.59 6.53
CA VAL A 202 22.73 8.38 5.31
C VAL A 202 23.22 7.58 4.07
N GLY A 203 24.31 6.84 4.21
CA GLY A 203 24.81 5.98 3.14
C GLY A 203 23.89 4.79 2.88
N ILE A 204 23.50 4.11 3.96
CA ILE A 204 22.66 2.94 3.84
C ILE A 204 21.28 3.29 3.27
N SER A 205 20.66 4.37 3.73
CA SER A 205 19.31 4.70 3.28
C SER A 205 19.24 5.50 1.99
N ARG A 206 20.38 5.82 1.38
CA ARG A 206 20.39 6.65 0.18
C ARG A 206 19.50 6.06 -0.93
N SER A 207 19.62 4.75 -1.17
CA SER A 207 18.81 4.08 -2.19
C SER A 207 17.37 3.86 -1.80
N CYS A 208 17.06 3.94 -0.52
N CYS A 208 17.08 3.99 -0.50
CA CYS A 208 15.67 3.74 -0.17
CA CYS A 208 15.74 3.75 0.03
C CYS A 208 15.01 4.98 0.43
C CYS A 208 14.90 4.99 0.29
N THR A 209 15.47 6.16 0.01
CA THR A 209 14.77 7.39 0.30
C THR A 209 14.75 8.30 -0.91
N LYS A 210 13.81 9.23 -0.95
CA LYS A 210 13.85 10.25 -1.98
C LYS A 210 15.03 11.16 -1.78
N TRP A 211 15.40 11.33 -0.51
CA TRP A 211 16.38 12.33 -0.12
C TRP A 211 16.72 12.08 1.34
N ASN A 212 17.94 12.38 1.75
CA ASN A 212 18.23 12.32 3.18
C ASN A 212 19.32 13.35 3.48
N VAL A 213 19.64 13.54 4.75
CA VAL A 213 20.56 14.61 5.12
C VAL A 213 21.00 14.31 6.53
N MET A 214 22.22 14.72 6.88
CA MET A 214 22.61 14.76 8.27
C MET A 214 22.69 16.20 8.70
N VAL A 215 21.99 16.54 9.77
CA VAL A 215 22.00 17.93 10.26
C VAL A 215 23.33 18.13 10.97
N LYS A 216 24.03 19.21 10.65
CA LYS A 216 25.37 19.42 11.18
C LYS A 216 25.43 20.51 12.25
N ASN A 217 24.38 21.32 12.34
CA ASN A 217 24.34 22.33 13.40
C ASN A 217 22.90 22.76 13.61
N VAL A 218 22.63 23.30 14.79
CA VAL A 218 21.26 23.48 15.21
C VAL A 218 20.63 24.61 14.40
N ALA A 219 21.43 25.56 13.95
CA ALA A 219 20.88 26.66 13.17
C ALA A 219 20.22 26.19 11.87
N GLU A 220 20.63 25.04 11.33
CA GLU A 220 20.04 24.58 10.07
C GLU A 220 18.93 23.54 10.32
N LEU A 221 18.67 23.22 11.58
CA LEU A 221 17.70 22.18 11.87
C LEU A 221 16.26 22.54 11.39
N PRO A 222 15.78 23.77 11.65
CA PRO A 222 14.45 24.07 11.10
C PRO A 222 14.37 23.94 9.57
N ARG A 223 15.38 24.48 8.88
CA ARG A 223 15.41 24.37 7.41
C ARG A 223 15.37 22.92 6.94
N ARG A 224 16.19 22.05 7.53
CA ARG A 224 16.21 20.65 7.11
C ARG A 224 14.88 19.94 7.40
N ILE A 225 14.26 20.25 8.53
CA ILE A 225 12.93 19.71 8.79
C ILE A 225 11.91 20.17 7.74
N ASN A 226 11.91 21.45 7.39
CA ASN A 226 11.01 21.92 6.32
C ASN A 226 11.27 21.20 5.00
N GLU A 227 12.55 21.08 4.66
CA GLU A 227 12.91 20.41 3.40
C GLU A 227 12.42 18.97 3.36
N ALA A 228 12.59 18.26 4.48
CA ALA A 228 12.17 16.87 4.58
C ALA A 228 10.67 16.73 4.33
N PHE A 229 9.87 17.56 4.99
CA PHE A 229 8.42 17.42 4.83
C PHE A 229 8.00 17.79 3.41
N GLU A 230 8.66 18.80 2.85
CA GLU A 230 8.32 19.24 1.51
C GLU A 230 8.64 18.13 0.48
N ILE A 231 9.85 17.56 0.56
CA ILE A 231 10.23 16.53 -0.38
C ILE A 231 9.37 15.28 -0.21
N ALA A 232 9.11 14.87 1.04
CA ALA A 232 8.30 13.70 1.30
C ALA A 232 6.89 13.79 0.69
N THR A 233 6.35 15.01 0.60
CA THR A 233 4.94 15.14 0.28
C THR A 233 4.68 15.70 -1.11
N THR A 234 5.72 16.05 -1.87
CA THR A 234 5.52 16.64 -3.20
C THR A 234 6.00 15.68 -4.27
N GLY A 235 5.63 15.94 -5.53
CA GLY A 235 5.99 15.04 -6.61
C GLY A 235 5.36 13.70 -6.28
N ARG A 236 6.04 12.59 -6.55
CA ARG A 236 5.54 11.31 -6.05
C ARG A 236 5.90 11.23 -4.58
N PRO A 237 4.91 11.07 -3.68
CA PRO A 237 5.32 11.07 -2.27
C PRO A 237 6.26 9.93 -1.96
N GLY A 238 7.09 10.09 -0.92
CA GLY A 238 7.98 9.01 -0.58
C GLY A 238 8.72 9.33 0.70
N PRO A 239 9.59 8.40 1.13
CA PRO A 239 10.32 8.54 2.40
C PRO A 239 11.52 9.45 2.32
N VAL A 240 11.77 10.16 3.42
CA VAL A 240 13.01 10.93 3.56
C VAL A 240 13.59 10.62 4.93
N LEU A 241 14.88 10.85 5.11
CA LEU A 241 15.48 10.62 6.42
C LEU A 241 16.35 11.81 6.81
N VAL A 242 16.21 12.25 8.05
CA VAL A 242 17.00 13.33 8.62
C VAL A 242 17.76 12.76 9.82
N ASP A 243 19.10 12.76 9.73
CA ASP A 243 20.00 12.20 10.72
C ASP A 243 20.36 13.31 11.74
N LEU A 244 20.21 13.04 13.04
CA LEU A 244 20.32 14.05 14.12
C LEU A 244 21.40 13.70 15.14
N PRO A 245 22.62 14.21 14.94
CA PRO A 245 23.69 13.96 15.89
C PRO A 245 23.30 14.45 17.27
N LYS A 246 23.63 13.66 18.29
CA LYS A 246 23.23 13.96 19.63
CA LYS A 246 23.28 13.95 19.67
C LYS A 246 23.72 15.34 20.12
N ASP A 247 24.90 15.75 19.68
CA ASP A 247 25.44 17.04 20.15
C ASP A 247 24.71 18.21 19.48
N VAL A 248 24.21 18.00 18.27
CA VAL A 248 23.36 18.99 17.62
C VAL A 248 22.01 19.15 18.37
N THR A 249 21.37 18.04 18.70
CA THR A 249 20.06 18.15 19.33
C THR A 249 20.18 18.59 20.79
N ALA A 250 21.32 18.32 21.43
CA ALA A 250 21.58 18.85 22.78
C ALA A 250 22.04 20.33 22.75
N SER A 251 22.62 20.77 21.64
CA SER A 251 23.12 22.15 21.60
C SER A 251 21.98 23.18 21.60
N ILE A 252 22.33 24.40 21.99
CA ILE A 252 21.33 25.47 22.10
C ILE A 252 21.54 26.48 20.98
N LEU A 253 20.45 26.88 20.30
CA LEU A 253 20.56 27.90 19.24
C LEU A 253 20.96 29.25 19.84
N ARG A 254 22.04 29.84 19.32
CA ARG A 254 22.54 31.10 19.87
C ARG A 254 22.44 32.24 18.86
N GLU A 255 21.97 31.96 17.64
CA GLU A 255 21.96 32.99 16.61
C GLU A 255 20.60 33.04 15.94
N SER A 256 20.23 34.20 15.41
CA SER A 256 18.97 34.28 14.70
C SER A 256 19.08 33.51 13.37
N ILE A 257 17.94 33.08 12.84
CA ILE A 257 17.92 32.30 11.61
C ILE A 257 16.88 32.89 10.65
N PRO A 258 17.03 32.66 9.33
CA PRO A 258 16.07 33.27 8.40
C PRO A 258 14.66 32.87 8.76
N ILE A 259 13.79 33.85 8.80
CA ILE A 259 12.43 33.58 9.26
C ILE A 259 11.72 32.60 8.34
N ASN A 260 12.10 32.60 7.07
N ASN A 260 12.08 32.57 7.06
CA ASN A 260 11.51 31.68 6.10
CA ASN A 260 11.45 31.61 6.14
C ASN A 260 11.76 30.21 6.51
C ASN A 260 11.71 30.18 6.58
N THR A 261 12.84 29.94 7.24
CA THR A 261 13.16 28.57 7.68
C THR A 261 12.40 28.13 8.94
N THR A 262 11.69 29.05 9.59
CA THR A 262 10.92 28.67 10.78
C THR A 262 9.45 28.35 10.48
N LEU A 263 9.08 28.47 9.20
CA LEU A 263 7.72 28.18 8.74
C LEU A 263 7.75 27.12 7.63
N PRO A 264 6.79 26.18 7.65
CA PRO A 264 6.62 25.19 6.59
C PRO A 264 6.52 25.80 5.17
N SER A 277 1.35 24.74 -17.30
CA SER A 277 2.28 25.14 -18.34
C SER A 277 1.69 24.99 -19.74
N GLU A 278 2.19 25.78 -20.69
CA GLU A 278 1.69 25.74 -22.06
C GLU A 278 1.94 24.36 -22.69
N PHE A 279 3.06 23.74 -22.37
CA PHE A 279 3.40 22.46 -22.98
C PHE A 279 2.40 21.35 -22.58
N THR A 280 2.03 21.35 -21.32
CA THR A 280 1.14 20.35 -20.77
C THR A 280 -0.30 20.62 -21.21
N SER A 281 -0.65 21.90 -21.22
CA SER A 281 -1.94 22.34 -21.73
C SER A 281 -2.15 21.84 -23.17
N GLU A 282 -1.11 21.91 -24.00
CA GLU A 282 -1.23 21.41 -25.37
C GLU A 282 -1.35 19.88 -25.41
N ALA A 283 -0.61 19.21 -24.54
CA ALA A 283 -0.68 17.76 -24.44
C ALA A 283 -2.08 17.32 -24.00
N ILE A 284 -2.69 18.06 -23.07
CA ILE A 284 -4.04 17.73 -22.61
C ILE A 284 -5.05 17.84 -23.73
N LYS A 285 -4.94 18.92 -24.52
CA LYS A 285 -5.82 19.10 -25.66
C LYS A 285 -5.64 17.96 -26.67
N ARG A 286 -4.40 17.62 -26.94
CA ARG A 286 -4.10 16.53 -27.87
C ARG A 286 -4.68 15.20 -27.33
N ALA A 287 -4.51 15.00 -26.03
CA ALA A 287 -5.00 13.78 -25.41
C ALA A 287 -6.52 13.70 -25.49
N ALA A 288 -7.19 14.84 -25.36
CA ALA A 288 -8.64 14.83 -25.41
C ALA A 288 -9.09 14.50 -26.83
N ASN A 289 -8.37 15.02 -27.82
CA ASN A 289 -8.75 14.75 -29.21
C ASN A 289 -8.63 13.26 -29.53
N ILE A 290 -7.62 12.63 -28.94
CA ILE A 290 -7.42 11.20 -29.08
C ILE A 290 -8.56 10.43 -28.41
N LEU A 291 -8.86 10.75 -27.16
CA LEU A 291 -9.95 10.05 -26.49
C LEU A 291 -11.28 10.25 -27.26
N ASN A 292 -11.49 11.43 -27.82
CA ASN A 292 -12.73 11.67 -28.56
C ASN A 292 -12.86 10.82 -29.82
N LYS A 293 -11.77 10.22 -30.28
CA LYS A 293 -11.82 9.30 -31.43
C LYS A 293 -12.04 7.84 -30.99
N ALA A 294 -11.72 7.52 -29.74
CA ALA A 294 -11.69 6.14 -29.25
C ALA A 294 -13.04 5.41 -29.33
N LYS A 295 -13.00 4.15 -29.71
CA LYS A 295 -14.23 3.36 -29.76
C LYS A 295 -14.22 2.27 -28.69
N LYS A 296 -13.05 2.06 -28.07
CA LYS A 296 -12.88 1.06 -27.02
C LYS A 296 -11.99 1.60 -25.91
N PRO A 297 -12.45 2.66 -25.22
CA PRO A 297 -11.56 3.25 -24.22
C PRO A 297 -11.57 2.47 -22.91
N ILE A 298 -10.51 2.61 -22.12
CA ILE A 298 -10.51 2.01 -20.80
C ILE A 298 -9.66 2.89 -19.88
N ILE A 299 -10.12 3.07 -18.64
CA ILE A 299 -9.33 3.79 -17.64
C ILE A 299 -8.58 2.77 -16.81
N TYR A 300 -7.26 3.02 -16.66
CA TYR A 300 -6.38 2.20 -15.88
C TYR A 300 -5.90 3.10 -14.72
N ALA A 301 -6.48 2.95 -13.54
CA ALA A 301 -6.30 3.93 -12.46
C ALA A 301 -5.51 3.34 -11.32
N GLY A 302 -4.61 4.12 -10.75
CA GLY A 302 -3.84 3.62 -9.64
C GLY A 302 -3.74 4.57 -8.46
N ALA A 303 -2.76 4.30 -7.60
CA ALA A 303 -2.54 5.05 -6.37
C ALA A 303 -2.52 6.58 -6.52
N GLY A 304 -2.03 7.11 -7.64
CA GLY A 304 -1.91 8.55 -7.78
C GLY A 304 -3.24 9.29 -7.69
N ILE A 305 -4.31 8.64 -8.10
CA ILE A 305 -5.62 9.26 -8.03
CA ILE A 305 -5.66 9.20 -8.01
C ILE A 305 -6.06 9.43 -6.56
N LEU A 306 -5.50 8.64 -5.65
CA LEU A 306 -5.83 8.74 -4.23
C LEU A 306 -5.12 9.91 -3.54
N ASN A 307 -4.17 10.53 -4.23
CA ASN A 307 -3.36 11.57 -3.60
C ASN A 307 -3.98 12.97 -3.64
N ASN A 308 -5.21 13.06 -4.13
CA ASN A 308 -5.97 14.29 -4.03
C ASN A 308 -7.36 13.88 -3.59
N GLU A 309 -7.95 14.61 -2.66
CA GLU A 309 -9.27 14.25 -2.19
C GLU A 309 -10.31 14.26 -3.30
N GLN A 310 -10.12 15.11 -4.32
CA GLN A 310 -11.06 15.18 -5.44
C GLN A 310 -10.78 14.12 -6.51
N GLY A 311 -9.69 13.38 -6.38
CA GLY A 311 -9.30 12.39 -7.38
C GLY A 311 -10.42 11.42 -7.78
N PRO A 312 -10.94 10.65 -6.82
CA PRO A 312 -11.98 9.68 -7.18
C PRO A 312 -13.22 10.34 -7.79
N LYS A 313 -13.56 11.52 -7.32
CA LYS A 313 -14.71 12.24 -7.88
C LYS A 313 -14.49 12.56 -9.38
N LEU A 314 -13.29 13.01 -9.70
CA LEU A 314 -13.01 13.39 -11.08
C LEU A 314 -12.85 12.16 -11.98
N LEU A 315 -12.30 11.09 -11.41
CA LEU A 315 -12.24 9.82 -12.12
C LEU A 315 -13.64 9.38 -12.53
N LYS A 316 -14.57 9.42 -11.57
CA LYS A 316 -15.95 9.04 -11.85
C LYS A 316 -16.58 9.99 -12.87
N GLU A 317 -16.28 11.27 -12.75
CA GLU A 317 -16.86 12.24 -13.66
C GLU A 317 -16.42 11.94 -15.10
N LEU A 318 -15.14 11.61 -15.27
CA LEU A 318 -14.64 11.26 -16.61
C LEU A 318 -15.28 9.97 -17.11
N ALA A 319 -15.30 8.93 -16.28
CA ALA A 319 -15.84 7.65 -16.71
C ALA A 319 -17.31 7.81 -17.09
N ASP A 320 -18.03 8.61 -16.32
CA ASP A 320 -19.45 8.86 -16.60
C ASP A 320 -19.63 9.65 -17.87
N LYS A 321 -18.83 10.70 -18.04
CA LYS A 321 -19.05 11.57 -19.18
C LYS A 321 -18.80 10.86 -20.51
N ALA A 322 -17.65 10.19 -20.60
CA ALA A 322 -17.22 9.60 -21.86
C ALA A 322 -17.59 8.11 -21.93
N ASN A 323 -18.28 7.64 -20.90
CA ASN A 323 -18.77 6.27 -20.84
C ASN A 323 -17.64 5.26 -21.00
N ILE A 324 -16.78 5.18 -19.98
CA ILE A 324 -15.54 4.39 -20.04
C ILE A 324 -15.49 3.40 -18.89
N PRO A 325 -15.24 2.11 -19.20
CA PRO A 325 -15.00 1.13 -18.12
C PRO A 325 -13.69 1.41 -17.39
N VAL A 326 -13.65 1.05 -16.11
CA VAL A 326 -12.56 1.40 -15.21
C VAL A 326 -11.98 0.18 -14.56
N THR A 327 -10.68 -0.05 -14.75
CA THR A 327 -9.94 -1.05 -13.98
C THR A 327 -8.93 -0.33 -13.09
N THR A 328 -8.56 -0.93 -11.95
CA THR A 328 -7.54 -0.33 -11.11
C THR A 328 -6.47 -1.35 -10.76
N THR A 329 -5.32 -0.84 -10.34
CA THR A 329 -4.30 -1.65 -9.72
C THR A 329 -4.70 -2.06 -8.33
N LEU A 330 -3.87 -2.91 -7.74
CA LEU A 330 -3.98 -3.24 -6.32
C LEU A 330 -4.00 -1.97 -5.46
N GLN A 331 -3.12 -1.02 -5.79
CA GLN A 331 -2.98 0.18 -4.98
C GLN A 331 -4.05 1.22 -5.29
N GLY A 332 -4.79 1.03 -6.38
CA GLY A 332 -5.86 1.95 -6.71
C GLY A 332 -7.21 1.46 -6.22
N LEU A 333 -7.24 0.29 -5.59
CA LEU A 333 -8.51 -0.30 -5.15
C LEU A 333 -9.22 0.71 -4.23
N GLY A 334 -10.49 0.95 -4.49
CA GLY A 334 -11.25 1.94 -3.72
C GLY A 334 -11.31 3.30 -4.40
N ALA A 335 -10.49 3.51 -5.43
CA ALA A 335 -10.58 4.74 -6.21
C ALA A 335 -11.85 4.78 -7.02
N PHE A 336 -12.37 3.62 -7.37
CA PHE A 336 -13.60 3.55 -8.16
C PHE A 336 -14.58 2.61 -7.45
N ASP A 337 -15.85 3.01 -7.43
CA ASP A 337 -16.86 2.20 -6.76
C ASP A 337 -17.09 0.92 -7.54
N GLN A 338 -16.64 -0.20 -6.99
CA GLN A 338 -16.70 -1.46 -7.74
C GLN A 338 -18.13 -1.97 -7.96
N ARG A 339 -19.11 -1.36 -7.31
CA ARG A 339 -20.51 -1.68 -7.57
C ARG A 339 -21.04 -1.06 -8.86
N ASP A 340 -20.34 -0.05 -9.36
CA ASP A 340 -20.72 0.56 -10.64
C ASP A 340 -20.62 -0.45 -11.78
N PRO A 341 -21.61 -0.49 -12.69
CA PRO A 341 -21.50 -1.41 -13.83
C PRO A 341 -20.25 -1.21 -14.67
N LYS A 342 -19.67 -0.01 -14.64
CA LYS A 342 -18.46 0.27 -15.42
C LYS A 342 -17.19 -0.29 -14.79
N SER A 343 -17.29 -0.87 -13.60
CA SER A 343 -16.13 -1.42 -12.92
C SER A 343 -15.67 -2.74 -13.54
N LEU A 344 -14.40 -2.80 -13.93
CA LEU A 344 -13.78 -4.03 -14.42
C LEU A 344 -12.98 -4.75 -13.34
N ASP A 345 -12.97 -4.19 -12.14
CA ASP A 345 -12.20 -4.75 -11.02
C ASP A 345 -10.68 -4.58 -11.23
N MET A 346 -9.88 -5.37 -10.52
CA MET A 346 -8.44 -5.22 -10.54
C MET A 346 -7.84 -5.89 -11.77
N LEU A 347 -6.82 -5.28 -12.37
CA LEU A 347 -6.12 -5.96 -13.47
C LEU A 347 -4.81 -6.56 -12.98
N GLY A 348 -4.18 -7.36 -13.83
CA GLY A 348 -2.83 -7.81 -13.55
C GLY A 348 -2.66 -9.30 -13.35
N MET A 349 -1.48 -9.66 -12.84
CA MET A 349 -1.10 -11.05 -12.62
CA MET A 349 -1.09 -11.04 -12.61
C MET A 349 -2.19 -11.89 -11.97
N HIS A 350 -2.82 -11.34 -10.94
CA HIS A 350 -3.93 -12.05 -10.27
C HIS A 350 -5.21 -11.24 -10.34
N GLY A 351 -5.30 -10.35 -11.33
CA GLY A 351 -6.50 -9.55 -11.49
C GLY A 351 -7.55 -10.30 -12.32
N SER A 352 -8.72 -9.70 -12.47
CA SER A 352 -9.81 -10.27 -13.26
C SER A 352 -9.39 -10.52 -14.70
N ALA A 353 -9.72 -11.70 -15.24
CA ALA A 353 -9.47 -11.98 -16.64
C ALA A 353 -10.32 -11.05 -17.53
N ALA A 354 -11.41 -10.51 -16.98
CA ALA A 354 -12.21 -9.53 -17.74
C ALA A 354 -11.44 -8.22 -17.91
N ALA A 355 -10.87 -7.72 -16.81
CA ALA A 355 -10.06 -6.50 -16.87
C ALA A 355 -8.87 -6.70 -17.80
N ASN A 356 -8.16 -7.82 -17.63
CA ASN A 356 -6.98 -8.13 -18.47
C ASN A 356 -7.37 -8.25 -19.93
N THR A 357 -8.48 -8.92 -20.20
CA THR A 357 -8.96 -8.98 -21.59
C THR A 357 -9.27 -7.59 -22.13
N ALA A 358 -9.97 -6.78 -21.34
CA ALA A 358 -10.36 -5.44 -21.81
C ALA A 358 -9.15 -4.55 -22.14
N ILE A 359 -8.14 -4.54 -21.28
CA ILE A 359 -7.02 -3.66 -21.56
CA ILE A 359 -6.93 -3.76 -21.48
C ILE A 359 -6.22 -4.17 -22.75
N GLN A 360 -6.24 -5.48 -23.00
CA GLN A 360 -5.55 -6.03 -24.16
C GLN A 360 -6.27 -5.71 -25.45
N ASN A 361 -7.54 -5.34 -25.35
CA ASN A 361 -8.33 -5.07 -26.54
C ASN A 361 -8.74 -3.62 -26.73
N ALA A 362 -8.37 -2.77 -25.77
CA ALA A 362 -8.75 -1.36 -25.78
C ALA A 362 -7.98 -0.58 -26.84
N ASP A 363 -8.61 0.40 -27.49
CA ASP A 363 -7.85 1.21 -28.42
C ASP A 363 -7.30 2.48 -27.73
N CYS A 364 -7.78 2.77 -26.54
CA CYS A 364 -7.31 3.94 -25.83
C CYS A 364 -7.28 3.66 -24.36
N ILE A 365 -6.08 3.80 -23.77
CA ILE A 365 -5.88 3.51 -22.35
C ILE A 365 -5.55 4.82 -21.64
N ILE A 366 -6.40 5.20 -20.70
CA ILE A 366 -6.19 6.40 -19.95
C ILE A 366 -5.59 5.98 -18.62
N ALA A 367 -4.27 6.18 -18.47
CA ALA A 367 -3.55 5.74 -17.29
C ALA A 367 -3.48 6.87 -16.28
N LEU A 368 -4.18 6.69 -15.16
CA LEU A 368 -4.35 7.75 -14.18
C LEU A 368 -3.62 7.42 -12.89
N GLY A 369 -2.43 7.99 -12.70
CA GLY A 369 -1.68 7.74 -11.48
C GLY A 369 -1.32 6.27 -11.27
N ALA A 370 -0.74 5.64 -12.28
CA ALA A 370 -0.35 4.23 -12.17
C ALA A 370 0.92 4.06 -12.95
N ARG A 371 1.79 3.16 -12.51
CA ARG A 371 3.15 3.16 -13.09
C ARG A 371 3.51 1.97 -13.99
N PHE A 372 2.52 1.21 -14.47
CA PHE A 372 2.81 0.08 -15.34
C PHE A 372 3.83 -0.89 -14.71
N ASP A 373 3.60 -1.25 -13.46
CA ASP A 373 4.42 -2.20 -12.69
CA ASP A 373 4.57 -2.14 -12.82
C ASP A 373 4.45 -3.55 -13.39
N ASP A 374 5.46 -4.37 -13.11
CA ASP A 374 5.51 -5.64 -13.84
C ASP A 374 4.54 -6.70 -13.33
N ARG A 375 3.84 -6.43 -12.22
CA ARG A 375 2.75 -7.31 -11.78
C ARG A 375 1.49 -7.03 -12.62
N VAL A 376 1.43 -5.87 -13.25
CA VAL A 376 0.25 -5.43 -13.99
C VAL A 376 0.35 -5.68 -15.50
N THR A 377 1.53 -5.48 -16.08
CA THR A 377 1.59 -5.47 -17.55
C THR A 377 1.63 -6.85 -18.18
N GLY A 378 1.96 -7.88 -17.41
CA GLY A 378 2.24 -9.16 -18.04
C GLY A 378 3.48 -8.98 -18.92
N ASN A 379 3.66 -9.84 -19.90
CA ASN A 379 4.76 -9.72 -20.85
C ASN A 379 4.72 -8.34 -21.54
N ILE A 380 5.71 -7.50 -21.27
CA ILE A 380 5.66 -6.11 -21.74
C ILE A 380 5.56 -5.99 -23.26
N SER A 381 6.30 -6.80 -24.00
CA SER A 381 6.24 -6.68 -25.45
C SER A 381 4.87 -7.07 -26.00
N LYS A 382 4.06 -7.78 -25.21
CA LYS A 382 2.75 -8.22 -25.71
C LYS A 382 1.63 -7.44 -25.04
N PHE A 383 1.98 -6.41 -24.29
CA PHE A 383 1.02 -5.62 -23.53
C PHE A 383 0.28 -4.61 -24.42
N ALA A 384 -1.03 -4.51 -24.23
CA ALA A 384 -1.84 -3.48 -24.90
C ALA A 384 -1.66 -3.39 -26.43
N PRO A 385 -1.79 -4.51 -27.16
CA PRO A 385 -1.51 -4.43 -28.59
C PRO A 385 -2.51 -3.59 -29.38
N GLU A 386 -3.78 -3.54 -28.96
CA GLU A 386 -4.77 -2.73 -29.66
C GLU A 386 -4.54 -1.25 -29.46
N ALA A 387 -4.00 -0.87 -28.29
CA ALA A 387 -3.71 0.52 -28.03
C ALA A 387 -2.49 0.99 -28.83
N LYS A 388 -1.50 0.11 -28.95
CA LYS A 388 -0.32 0.45 -29.74
C LYS A 388 -0.67 0.54 -31.21
N LEU A 389 -1.54 -0.35 -31.68
CA LEU A 389 -1.95 -0.28 -33.09
C LEU A 389 -2.71 1.01 -33.34
N ALA A 390 -3.62 1.36 -32.42
CA ALA A 390 -4.41 2.58 -32.59
C ALA A 390 -3.53 3.83 -32.59
N ALA A 391 -2.53 3.85 -31.70
CA ALA A 391 -1.54 4.94 -31.69
C ALA A 391 -0.88 5.07 -33.05
N SER A 392 -0.40 3.96 -33.60
CA SER A 392 0.19 3.97 -34.94
C SER A 392 -0.75 4.47 -36.02
N GLU A 393 -2.03 4.22 -35.87
CA GLU A 393 -2.96 4.59 -36.92
C GLU A 393 -3.62 5.93 -36.61
N GLY A 394 -3.13 6.61 -35.58
CA GLY A 394 -3.60 7.93 -35.24
C GLY A 394 -5.02 7.99 -34.72
N ARG A 395 -5.45 6.93 -34.03
CA ARG A 395 -6.83 6.89 -33.52
C ARG A 395 -6.92 6.37 -32.08
N GLY A 396 -5.83 6.43 -31.33
CA GLY A 396 -5.83 6.00 -29.93
C GLY A 396 -4.46 6.00 -29.30
N GLY A 397 -4.25 5.08 -28.36
CA GLY A 397 -2.96 4.97 -27.70
C GLY A 397 -3.06 5.07 -26.20
N ILE A 398 -1.96 5.50 -25.58
CA ILE A 398 -1.90 5.54 -24.15
C ILE A 398 -1.74 6.98 -23.70
N LEU A 399 -2.68 7.42 -22.86
CA LEU A 399 -2.66 8.77 -22.32
C LEU A 399 -2.25 8.65 -20.86
N HIS A 400 -1.04 9.08 -20.55
CA HIS A 400 -0.46 8.81 -19.25
C HIS A 400 -0.40 10.08 -18.40
N PHE A 401 -1.23 10.13 -17.36
CA PHE A 401 -1.28 11.24 -16.40
C PHE A 401 -0.38 10.89 -15.21
N GLU A 402 0.80 11.50 -15.15
CA GLU A 402 1.83 11.04 -14.24
C GLU A 402 2.59 12.23 -13.65
N ILE A 403 2.87 12.19 -12.36
CA ILE A 403 3.45 13.36 -11.71
C ILE A 403 4.97 13.31 -11.72
N SER A 404 5.53 12.10 -11.84
CA SER A 404 6.97 11.90 -11.81
C SER A 404 7.52 11.59 -13.20
N PRO A 405 8.33 12.50 -13.76
CA PRO A 405 8.91 12.27 -15.10
C PRO A 405 9.67 10.95 -15.20
N LYS A 406 10.28 10.52 -14.11
CA LYS A 406 10.98 9.23 -14.07
C LYS A 406 10.06 8.10 -14.54
N ASN A 407 8.76 8.21 -14.28
CA ASN A 407 7.86 7.10 -14.59
C ASN A 407 7.07 7.30 -15.86
N ILE A 408 7.35 8.37 -16.58
CA ILE A 408 6.80 8.58 -17.91
C ILE A 408 7.74 7.96 -18.94
N ASN A 409 7.18 7.11 -19.81
CA ASN A 409 7.96 6.41 -20.82
C ASN A 409 9.04 5.53 -20.21
N LYS A 410 8.78 5.01 -19.01
CA LYS A 410 9.75 4.14 -18.35
C LYS A 410 9.58 2.70 -18.81
N VAL A 411 8.34 2.28 -18.95
CA VAL A 411 7.98 0.90 -19.22
C VAL A 411 7.30 0.81 -20.58
N VAL A 412 6.31 1.67 -20.79
CA VAL A 412 5.58 1.71 -22.05
C VAL A 412 5.57 3.13 -22.60
N GLU A 413 5.63 3.26 -23.92
CA GLU A 413 5.61 4.58 -24.52
C GLU A 413 4.22 5.22 -24.40
N ALA A 414 4.15 6.42 -23.85
CA ALA A 414 2.89 7.16 -23.79
C ALA A 414 2.64 7.84 -25.13
N THR A 415 1.41 7.78 -25.62
CA THR A 415 1.09 8.50 -26.85
C THR A 415 1.06 9.99 -26.52
N GLU A 416 0.51 10.28 -25.34
CA GLU A 416 0.58 11.62 -24.76
C GLU A 416 0.89 11.50 -23.29
N ALA A 417 1.90 12.25 -22.86
CA ALA A 417 2.30 12.27 -21.47
C ALA A 417 1.75 13.55 -20.89
N ILE A 418 0.98 13.45 -19.82
CA ILE A 418 0.41 14.62 -19.19
C ILE A 418 1.02 14.72 -17.79
N GLU A 419 1.98 15.63 -17.67
CA GLU A 419 2.82 15.67 -16.50
C GLU A 419 2.17 16.50 -15.40
N GLY A 420 2.23 16.03 -14.17
CA GLY A 420 1.76 16.79 -13.04
C GLY A 420 0.72 16.02 -12.25
N ASP A 421 0.08 16.69 -11.29
CA ASP A 421 -0.95 16.03 -10.47
C ASP A 421 -2.14 15.59 -11.34
N VAL A 422 -2.48 14.30 -11.28
CA VAL A 422 -3.51 13.76 -12.17
C VAL A 422 -4.86 14.43 -11.89
N THR A 423 -5.15 14.73 -10.62
CA THR A 423 -6.45 15.34 -10.33
C THR A 423 -6.56 16.75 -10.92
N ALA A 424 -5.55 17.59 -10.72
CA ALA A 424 -5.57 18.91 -11.33
C ALA A 424 -5.67 18.84 -12.85
N ASN A 425 -4.95 17.90 -13.45
CA ASN A 425 -4.95 17.84 -14.91
C ASN A 425 -6.28 17.28 -15.45
N LEU A 426 -6.94 16.41 -14.68
CA LEU A 426 -8.28 15.95 -15.02
C LEU A 426 -9.27 17.11 -15.09
N GLN A 427 -9.15 18.10 -14.21
CA GLN A 427 -10.01 19.27 -14.24
C GLN A 427 -9.92 20.03 -15.58
N SER A 428 -8.75 20.01 -16.21
CA SER A 428 -8.59 20.67 -17.51
C SER A 428 -9.06 19.77 -18.63
N PHE A 429 -8.83 18.48 -18.44
CA PHE A 429 -9.05 17.46 -19.47
C PHE A 429 -10.53 17.22 -19.76
N ILE A 430 -11.29 16.95 -18.70
CA ILE A 430 -12.70 16.55 -18.82
C ILE A 430 -13.56 17.52 -19.65
N PRO A 431 -13.41 18.84 -19.44
CA PRO A 431 -14.22 19.74 -20.30
C PRO A 431 -13.92 19.61 -21.79
N LEU A 432 -12.74 19.11 -22.17
CA LEU A 432 -12.37 18.98 -23.58
C LEU A 432 -12.85 17.65 -24.16
N VAL A 433 -13.27 16.76 -23.26
CA VAL A 433 -13.71 15.42 -23.62
C VAL A 433 -15.20 15.40 -23.97
N ASP A 434 -15.54 14.81 -25.12
CA ASP A 434 -16.94 14.71 -25.58
C ASP A 434 -17.79 13.76 -24.74
N SER A 435 -19.00 14.19 -24.41
CA SER A 435 -19.92 13.33 -23.67
CA SER A 435 -19.92 13.34 -23.68
C SER A 435 -20.40 12.22 -24.62
N ILE A 436 -20.41 10.98 -24.12
CA ILE A 436 -20.83 9.85 -24.94
C ILE A 436 -21.97 9.12 -24.24
N GLU A 437 -23.10 8.99 -24.93
CA GLU A 437 -24.29 8.37 -24.32
C GLU A 437 -24.14 6.85 -24.24
N ASN A 438 -23.76 6.22 -25.35
CA ASN A 438 -23.64 4.75 -25.41
C ASN A 438 -22.47 4.27 -26.23
N ARG A 439 -22.00 3.08 -25.88
CA ARG A 439 -20.98 2.36 -26.65
C ARG A 439 -21.44 0.90 -26.72
N PRO A 440 -22.43 0.61 -27.58
CA PRO A 440 -23.09 -0.70 -27.60
C PRO A 440 -22.15 -1.87 -27.85
N GLU A 441 -21.30 -1.80 -28.87
CA GLU A 441 -20.43 -2.93 -29.19
C GLU A 441 -19.36 -3.15 -28.12
N TRP A 442 -18.79 -2.06 -27.62
CA TRP A 442 -17.73 -2.18 -26.63
C TRP A 442 -18.31 -2.71 -25.31
N PHE A 443 -19.42 -2.14 -24.86
CA PHE A 443 -19.93 -2.58 -23.58
C PHE A 443 -20.57 -3.96 -23.69
N ASN A 444 -21.06 -4.30 -24.88
CA ASN A 444 -21.46 -5.67 -25.10
C ASN A 444 -20.31 -6.64 -24.86
N LYS A 445 -19.10 -6.33 -25.35
CA LYS A 445 -17.92 -7.16 -25.04
C LYS A 445 -17.56 -7.08 -23.56
N ILE A 446 -17.54 -5.88 -23.00
CA ILE A 446 -17.19 -5.73 -21.59
C ILE A 446 -18.12 -6.58 -20.72
N ASN A 447 -19.42 -6.53 -21.02
CA ASN A 447 -20.37 -7.28 -20.22
C ASN A 447 -20.23 -8.79 -20.40
N GLU A 448 -19.98 -9.27 -21.62
CA GLU A 448 -19.73 -10.71 -21.79
C GLU A 448 -18.46 -11.16 -21.08
N TRP A 449 -17.41 -10.35 -21.11
CA TRP A 449 -16.18 -10.75 -20.41
C TRP A 449 -16.41 -10.81 -18.90
N LYS A 450 -17.14 -9.84 -18.35
CA LYS A 450 -17.41 -9.85 -16.90
C LYS A 450 -18.19 -11.10 -16.52
N LYS A 451 -19.19 -11.46 -17.33
CA LYS A 451 -19.98 -12.67 -17.07
C LYS A 451 -19.12 -13.94 -17.20
N LYS A 452 -18.24 -13.98 -18.19
CA LYS A 452 -17.40 -15.13 -18.46
C LYS A 452 -16.27 -15.33 -17.43
N TYR A 453 -15.82 -14.25 -16.82
CA TYR A 453 -14.62 -14.29 -15.99
C TYR A 453 -14.85 -13.83 -14.54
N PRO A 454 -15.77 -14.48 -13.82
CA PRO A 454 -15.84 -14.14 -12.40
C PRO A 454 -14.64 -14.71 -11.67
N TYR A 455 -14.44 -14.31 -10.43
CA TYR A 455 -13.41 -14.91 -9.60
C TYR A 455 -13.85 -16.28 -9.07
N SER A 456 -13.91 -17.27 -9.95
CA SER A 456 -14.38 -18.59 -9.56
CA SER A 456 -14.36 -18.61 -9.59
C SER A 456 -13.32 -19.37 -8.77
N TYR A 457 -13.80 -20.30 -7.96
CA TYR A 457 -12.93 -21.18 -7.17
C TYR A 457 -13.75 -22.39 -6.73
N GLN A 458 -13.08 -23.40 -6.17
CA GLN A 458 -13.75 -24.58 -5.68
C GLN A 458 -14.44 -24.26 -4.35
N LEU A 459 -15.75 -24.35 -4.35
CA LEU A 459 -16.50 -24.14 -3.11
C LEU A 459 -16.27 -25.25 -2.09
N GLU A 460 -16.52 -24.91 -0.83
CA GLU A 460 -16.68 -25.88 0.26
C GLU A 460 -17.47 -27.10 -0.16
N THR A 461 -17.15 -28.25 0.43
CA THR A 461 -17.93 -29.45 0.22
C THR A 461 -18.24 -30.00 1.60
N PRO A 462 -19.15 -30.96 1.74
CA PRO A 462 -19.41 -31.39 3.13
C PRO A 462 -18.15 -31.90 3.83
N GLY A 463 -17.89 -31.41 5.03
CA GLY A 463 -16.70 -31.82 5.75
C GLY A 463 -15.41 -31.09 5.41
N SER A 464 -15.35 -30.37 4.30
CA SER A 464 -14.11 -29.67 3.93
C SER A 464 -13.80 -28.51 4.89
N LEU A 465 -12.56 -28.06 4.87
CA LEU A 465 -12.16 -26.84 5.56
C LEU A 465 -12.82 -25.66 4.85
N ILE A 466 -12.91 -24.54 5.57
CA ILE A 466 -13.33 -23.29 4.99
C ILE A 466 -12.39 -22.90 3.86
N LYS A 467 -12.94 -22.46 2.72
CA LYS A 467 -12.09 -21.96 1.64
C LYS A 467 -11.70 -20.53 1.93
N PRO A 468 -10.44 -20.16 1.64
CA PRO A 468 -10.05 -18.79 1.99
C PRO A 468 -10.83 -17.73 1.22
N GLN A 469 -11.28 -18.06 -0.01
CA GLN A 469 -12.03 -17.12 -0.82
C GLN A 469 -13.37 -16.81 -0.14
N THR A 470 -13.99 -17.86 0.40
CA THR A 470 -15.26 -17.73 1.09
C THR A 470 -15.15 -16.88 2.35
N LEU A 471 -14.10 -17.12 3.12
CA LEU A 471 -13.84 -16.30 4.30
C LEU A 471 -13.79 -14.81 3.95
N ILE A 472 -13.02 -14.45 2.92
CA ILE A 472 -12.90 -13.04 2.57
C ILE A 472 -14.27 -12.46 2.19
N LYS A 473 -15.07 -13.21 1.42
CA LYS A 473 -16.39 -12.73 1.05
C LYS A 473 -17.24 -12.50 2.29
N GLU A 474 -17.11 -13.39 3.27
CA GLU A 474 -17.90 -13.29 4.50
C GLU A 474 -17.54 -12.02 5.26
N ILE A 475 -16.25 -11.77 5.38
CA ILE A 475 -15.78 -10.58 6.09
C ILE A 475 -16.24 -9.34 5.35
N SER A 476 -16.07 -9.32 4.04
CA SER A 476 -16.51 -8.17 3.25
C SER A 476 -18.01 -7.89 3.37
N ASP A 477 -18.85 -8.93 3.27
CA ASP A 477 -20.29 -8.77 3.37
C ASP A 477 -20.67 -8.26 4.77
N GLN A 478 -20.04 -8.81 5.83
CA GLN A 478 -20.48 -8.44 7.17
C GLN A 478 -19.95 -7.06 7.56
N ALA A 479 -18.73 -6.75 7.14
CA ALA A 479 -18.12 -5.45 7.52
C ALA A 479 -18.93 -4.30 6.94
N GLN A 480 -19.53 -4.53 5.77
CA GLN A 480 -20.14 -3.46 5.00
C GLN A 480 -21.44 -3.04 5.67
N THR A 481 -21.82 -3.74 6.73
CA THR A 481 -23.07 -3.48 7.39
C THR A 481 -22.94 -2.64 8.69
N TYR A 482 -21.74 -2.24 9.10
CA TYR A 482 -21.61 -1.32 10.26
C TYR A 482 -21.72 0.12 9.76
N ASN A 483 -22.11 1.05 10.62
CA ASN A 483 -22.14 2.42 10.14
C ASN A 483 -20.78 3.10 10.35
N LYS A 484 -19.72 2.46 9.89
CA LYS A 484 -18.36 2.96 10.09
C LYS A 484 -17.56 2.78 8.81
N GLU A 485 -16.56 3.62 8.60
CA GLU A 485 -15.61 3.37 7.52
C GLU A 485 -14.87 2.06 7.80
N VAL A 486 -14.50 1.33 6.74
CA VAL A 486 -13.79 0.08 6.89
C VAL A 486 -12.49 0.16 6.12
N ILE A 487 -11.39 0.02 6.83
CA ILE A 487 -10.07 0.08 6.24
C ILE A 487 -9.46 -1.30 6.37
N VAL A 488 -8.85 -1.78 5.30
CA VAL A 488 -8.27 -3.10 5.25
C VAL A 488 -6.78 -2.97 5.05
N THR A 489 -5.99 -3.63 5.91
CA THR A 489 -4.57 -3.82 5.64
C THR A 489 -4.34 -5.31 5.41
N THR A 490 -3.19 -5.68 4.84
CA THR A 490 -2.90 -7.09 4.61
C THR A 490 -1.43 -7.40 4.89
N GLY A 491 -1.13 -8.68 5.01
CA GLY A 491 0.23 -9.17 4.86
C GLY A 491 0.50 -9.39 3.37
N VAL A 492 1.42 -10.28 3.07
CA VAL A 492 1.81 -10.53 1.69
C VAL A 492 1.71 -11.99 1.41
N GLY A 493 0.99 -12.33 0.33
CA GLY A 493 0.88 -13.71 -0.09
C GLY A 493 -0.50 -13.98 -0.67
N GLN A 494 -0.95 -15.24 -0.61
CA GLN A 494 -2.24 -15.58 -1.22
C GLN A 494 -3.41 -14.81 -0.57
N HIS A 495 -3.39 -14.72 0.76
CA HIS A 495 -4.46 -14.03 1.49
C HIS A 495 -4.61 -12.58 1.01
N GLN A 496 -3.49 -11.94 0.69
CA GLN A 496 -3.47 -10.57 0.17
C GLN A 496 -4.20 -10.47 -1.17
N MET A 497 -3.91 -11.41 -2.06
CA MET A 497 -4.57 -11.44 -3.36
C MET A 497 -6.07 -11.75 -3.23
N TRP A 498 -6.41 -12.69 -2.35
CA TRP A 498 -7.83 -13.02 -2.17
C TRP A 498 -8.56 -11.85 -1.51
N ALA A 499 -7.89 -11.12 -0.61
CA ALA A 499 -8.49 -9.90 -0.07
C ALA A 499 -8.74 -8.90 -1.20
N ALA A 500 -7.75 -8.70 -2.06
CA ALA A 500 -7.91 -7.79 -3.19
C ALA A 500 -9.08 -8.20 -4.07
N GLN A 501 -9.16 -9.49 -4.39
CA GLN A 501 -10.19 -9.93 -5.34
C GLN A 501 -11.58 -9.91 -4.72
N HIS A 502 -11.69 -10.38 -3.48
CA HIS A 502 -13.02 -10.72 -2.99
C HIS A 502 -13.67 -9.72 -2.07
N PHE A 503 -12.95 -8.69 -1.62
CA PHE A 503 -13.64 -7.55 -1.02
C PHE A 503 -14.29 -6.75 -2.10
N THR A 504 -15.33 -6.03 -1.75
CA THR A 504 -15.91 -5.07 -2.67
C THR A 504 -15.39 -3.68 -2.27
N TRP A 505 -14.59 -3.06 -3.14
CA TRP A 505 -13.90 -1.82 -2.81
C TRP A 505 -14.75 -0.65 -3.29
N THR A 506 -15.01 0.30 -2.40
CA THR A 506 -15.91 1.40 -2.71
C THR A 506 -15.39 2.78 -2.29
N GLN A 507 -14.43 2.82 -1.38
CA GLN A 507 -13.98 4.11 -0.84
C GLN A 507 -12.47 4.28 -0.93
N PRO A 508 -12.00 5.51 -1.18
CA PRO A 508 -10.55 5.73 -1.31
C PRO A 508 -9.80 5.54 0.03
N ARG A 509 -8.54 5.13 -0.07
CA ARG A 509 -7.67 4.93 1.11
C ARG A 509 -8.25 3.91 2.09
N THR A 510 -8.79 2.83 1.56
CA THR A 510 -9.32 1.74 2.39
C THR A 510 -8.55 0.44 2.14
N MET A 511 -7.67 0.41 1.15
CA MET A 511 -6.80 -0.74 0.94
C MET A 511 -5.35 -0.32 1.21
N ILE A 512 -4.77 -0.87 2.26
CA ILE A 512 -3.45 -0.43 2.70
C ILE A 512 -2.60 -1.65 2.73
N THR A 513 -1.79 -1.81 1.70
CA THR A 513 -1.14 -3.09 1.45
C THR A 513 0.22 -2.81 0.82
N SER A 514 1.19 -3.67 1.14
CA SER A 514 2.56 -3.54 0.59
C SER A 514 2.58 -4.18 -0.79
N GLY A 515 2.71 -3.33 -1.80
CA GLY A 515 2.58 -3.75 -3.20
C GLY A 515 3.90 -3.85 -3.94
N GLY A 516 4.69 -2.78 -3.92
CA GLY A 516 5.91 -2.75 -4.73
C GLY A 516 7.02 -3.58 -4.12
N LEU A 517 7.28 -3.39 -2.84
CA LEU A 517 8.29 -4.20 -2.17
C LEU A 517 7.67 -5.54 -1.69
N GLY A 518 6.41 -5.51 -1.27
CA GLY A 518 5.75 -6.76 -0.87
C GLY A 518 6.31 -7.32 0.46
N THR A 519 6.26 -6.51 1.51
CA THR A 519 6.87 -6.87 2.81
C THR A 519 5.94 -7.70 3.70
N MET A 520 6.21 -8.99 3.85
CA MET A 520 5.53 -9.77 4.90
C MET A 520 5.72 -9.10 6.26
N GLY A 521 4.68 -9.07 7.10
CA GLY A 521 4.79 -8.44 8.41
C GLY A 521 4.18 -7.06 8.45
N TYR A 522 3.85 -6.53 7.28
CA TYR A 522 3.28 -5.21 7.14
C TYR A 522 1.92 -5.06 7.80
N GLY A 523 1.11 -6.12 7.73
CA GLY A 523 -0.30 -5.99 8.00
C GLY A 523 -0.66 -5.49 9.38
N LEU A 524 -0.01 -6.05 10.40
CA LEU A 524 -0.39 -5.69 11.76
C LEU A 524 0.06 -4.25 12.09
N PRO A 525 1.36 -3.93 11.91
CA PRO A 525 1.72 -2.55 12.27
C PRO A 525 1.01 -1.55 11.36
N ALA A 526 0.82 -1.84 10.08
CA ALA A 526 0.08 -0.87 9.25
C ALA A 526 -1.32 -0.63 9.77
N ALA A 527 -1.97 -1.70 10.27
CA ALA A 527 -3.30 -1.55 10.83
C ALA A 527 -3.31 -0.65 12.07
N ILE A 528 -2.31 -0.83 12.95
CA ILE A 528 -2.23 0.03 14.12
C ILE A 528 -2.09 1.50 13.69
N GLY A 529 -1.21 1.76 12.72
CA GLY A 529 -1.05 3.13 12.24
C GLY A 529 -2.30 3.69 11.58
N ALA A 530 -2.99 2.87 10.79
CA ALA A 530 -4.23 3.33 10.16
C ALA A 530 -5.30 3.57 11.23
N GLN A 531 -5.32 2.75 12.27
CA GLN A 531 -6.32 2.87 13.31
C GLN A 531 -6.10 4.13 14.14
N VAL A 532 -4.82 4.48 14.34
CA VAL A 532 -4.49 5.71 15.03
C VAL A 532 -4.89 6.91 14.17
N ALA A 533 -4.66 6.81 12.86
CA ALA A 533 -5.10 7.88 11.96
C ALA A 533 -6.62 8.06 11.92
N LYS A 534 -7.36 6.95 12.00
CA LYS A 534 -8.82 6.97 11.85
C LYS A 534 -9.44 6.21 13.01
N PRO A 535 -9.50 6.85 14.20
CA PRO A 535 -9.91 6.18 15.44
C PRO A 535 -11.34 5.64 15.41
N ASP A 536 -12.18 6.19 14.54
CA ASP A 536 -13.58 5.77 14.43
C ASP A 536 -13.82 4.73 13.34
N ALA A 537 -12.77 4.36 12.61
CA ALA A 537 -12.89 3.32 11.57
C ALA A 537 -12.80 1.91 12.12
N ILE A 538 -13.43 0.98 11.41
CA ILE A 538 -13.12 -0.43 11.55
C ILE A 538 -11.88 -0.71 10.74
N VAL A 539 -10.84 -1.24 11.37
CA VAL A 539 -9.61 -1.54 10.66
C VAL A 539 -9.33 -3.01 10.79
N ILE A 540 -9.24 -3.68 9.64
CA ILE A 540 -9.12 -5.12 9.57
C ILE A 540 -7.80 -5.46 8.90
N ASP A 541 -6.94 -6.20 9.60
CA ASP A 541 -5.72 -6.74 9.01
C ASP A 541 -6.03 -8.15 8.54
N ILE A 542 -6.17 -8.34 7.23
CA ILE A 542 -6.29 -9.66 6.66
C ILE A 542 -4.87 -10.19 6.47
N ASP A 543 -4.48 -11.17 7.28
CA ASP A 543 -3.07 -11.54 7.36
C ASP A 543 -2.84 -13.02 7.06
N GLY A 544 -1.65 -13.37 6.58
CA GLY A 544 -1.31 -14.77 6.43
C GLY A 544 -0.63 -15.22 7.70
N ASP A 545 -0.59 -16.50 7.94
CA ASP A 545 0.04 -16.99 9.14
C ASP A 545 1.56 -16.68 9.16
N ALA A 546 2.25 -16.92 8.06
CA ALA A 546 3.68 -16.64 7.95
C ALA A 546 3.95 -15.13 8.12
N SER A 547 3.18 -14.32 7.45
CA SER A 547 3.29 -12.90 7.50
C SER A 547 3.11 -12.42 8.92
N PHE A 548 2.08 -12.93 9.57
CA PHE A 548 1.77 -12.55 10.93
C PHE A 548 2.90 -12.90 11.88
N ASN A 549 3.49 -14.05 11.70
CA ASN A 549 4.58 -14.48 12.52
C ASN A 549 5.74 -13.49 12.50
N MET A 550 5.89 -12.79 11.39
CA MET A 550 6.99 -11.86 11.25
C MET A 550 7.00 -10.76 12.27
N THR A 551 5.86 -10.19 12.56
CA THR A 551 5.78 -9.04 13.43
C THR A 551 4.72 -9.07 14.56
N LEU A 552 4.29 -10.27 14.92
CA LEU A 552 3.28 -10.48 15.93
C LEU A 552 3.51 -9.81 17.29
N THR A 553 4.74 -9.47 17.60
CA THR A 553 5.03 -8.82 18.84
C THR A 553 4.31 -7.50 18.94
N GLU A 554 3.97 -6.93 17.81
CA GLU A 554 3.30 -5.62 17.88
C GLU A 554 1.86 -5.67 18.36
N LEU A 555 1.33 -6.86 18.63
CA LEU A 555 0.05 -6.94 19.28
C LEU A 555 0.03 -6.14 20.59
N SER A 556 1.10 -6.22 21.39
CA SER A 556 1.17 -5.46 22.65
CA SER A 556 1.05 -5.48 22.65
C SER A 556 1.09 -3.97 22.37
N SER A 557 1.66 -3.56 21.24
CA SER A 557 1.66 -2.15 20.85
C SER A 557 0.26 -1.63 20.57
N ALA A 558 -0.56 -2.45 19.92
CA ALA A 558 -1.96 -2.08 19.68
C ALA A 558 -2.68 -1.83 21.00
N VAL A 559 -2.47 -2.72 21.97
CA VAL A 559 -3.13 -2.54 23.24
C VAL A 559 -2.63 -1.25 23.90
N GLN A 560 -1.31 -1.07 23.93
CA GLN A 560 -0.77 0.10 24.63
C GLN A 560 -1.19 1.41 23.95
N ALA A 561 -1.38 1.38 22.65
CA ALA A 561 -1.82 2.58 21.90
C ALA A 561 -3.33 2.81 21.89
N GLY A 562 -4.12 1.87 22.43
CA GLY A 562 -5.56 1.99 22.41
C GLY A 562 -6.13 1.90 20.99
N ALA A 563 -5.52 1.05 20.16
CA ALA A 563 -5.95 0.88 18.79
C ALA A 563 -6.73 -0.43 18.63
N PRO A 564 -8.07 -0.37 18.53
CA PRO A 564 -8.85 -1.63 18.53
C PRO A 564 -8.89 -2.35 17.17
N ILE A 565 -7.71 -2.66 16.65
CA ILE A 565 -7.58 -3.32 15.36
C ILE A 565 -8.17 -4.73 15.38
N LYS A 566 -8.49 -5.22 14.19
CA LYS A 566 -9.08 -6.53 14.01
C LYS A 566 -8.19 -7.34 13.09
N VAL A 567 -7.48 -8.31 13.64
CA VAL A 567 -6.56 -9.13 12.88
C VAL A 567 -7.21 -10.45 12.55
N CYS A 568 -7.29 -10.77 11.25
CA CYS A 568 -7.78 -12.07 10.83
C CYS A 568 -6.59 -12.84 10.22
N VAL A 569 -6.14 -13.90 10.90
CA VAL A 569 -5.09 -14.73 10.35
C VAL A 569 -5.67 -15.88 9.56
N LEU A 570 -5.40 -15.91 8.26
CA LEU A 570 -5.80 -17.06 7.45
C LEU A 570 -4.75 -18.09 7.66
N ASN A 571 -5.06 -19.05 8.53
CA ASN A 571 -4.11 -20.06 8.85
C ASN A 571 -4.19 -21.28 7.93
N ASN A 572 -3.37 -21.28 6.87
CA ASN A 572 -3.21 -22.48 6.02
C ASN A 572 -1.94 -23.26 6.39
N GLU A 573 -1.28 -22.87 7.48
CA GLU A 573 -0.07 -23.54 7.95
C GLU A 573 1.00 -23.67 6.87
N GLU A 574 1.11 -22.66 6.01
CA GLU A 574 2.07 -22.71 4.92
C GLU A 574 2.32 -21.29 4.44
N GLN A 575 3.43 -21.12 3.74
CA GLN A 575 3.69 -19.90 3.00
C GLN A 575 3.00 -20.14 1.65
N GLY A 576 1.69 -19.91 1.60
CA GLY A 576 0.87 -20.40 0.49
C GLY A 576 1.30 -19.90 -0.88
N MET A 577 1.70 -18.64 -0.96
CA MET A 577 2.08 -18.07 -2.25
CA MET A 577 2.07 -18.09 -2.26
C MET A 577 3.31 -18.80 -2.78
N VAL A 578 4.24 -19.13 -1.89
CA VAL A 578 5.42 -19.82 -2.34
C VAL A 578 5.09 -21.26 -2.65
N THR A 579 4.25 -21.91 -1.86
CA THR A 579 3.92 -23.30 -2.20
C THR A 579 3.12 -23.35 -3.50
N GLN A 580 2.36 -22.29 -3.80
CA GLN A 580 1.66 -22.24 -5.09
C GLN A 580 2.68 -22.31 -6.24
N TRP A 581 3.72 -21.48 -6.18
CA TRP A 581 4.78 -21.53 -7.17
C TRP A 581 5.56 -22.84 -7.18
N GLN A 582 5.77 -23.43 -6.00
CA GLN A 582 6.47 -24.71 -5.97
C GLN A 582 5.62 -25.83 -6.58
N SER A 583 4.29 -25.79 -6.36
CA SER A 583 3.41 -26.78 -6.97
C SER A 583 3.44 -26.65 -8.49
N LEU A 584 3.42 -25.42 -8.94
CA LEU A 584 3.27 -25.13 -10.35
C LEU A 584 4.58 -25.31 -11.13
N PHE A 585 5.68 -24.84 -10.57
CA PHE A 585 6.93 -24.80 -11.33
C PHE A 585 7.98 -25.74 -10.82
N TYR A 586 7.82 -26.28 -9.61
CA TYR A 586 8.90 -27.12 -9.05
C TYR A 586 8.38 -28.48 -8.62
N GLU A 587 7.35 -28.94 -9.31
CA GLU A 587 6.87 -30.32 -9.18
C GLU A 587 6.59 -30.69 -7.74
N HIS A 588 5.93 -29.77 -7.02
CA HIS A 588 5.48 -30.02 -5.66
C HIS A 588 6.63 -30.31 -4.70
N ARG A 589 7.78 -29.69 -4.96
CA ARG A 589 8.92 -29.79 -4.06
CA ARG A 589 8.91 -29.78 -4.05
C ARG A 589 8.87 -28.61 -3.09
N TYR A 590 8.32 -28.83 -1.90
CA TYR A 590 8.09 -27.73 -0.99
C TYR A 590 9.33 -27.53 -0.12
N SER A 591 10.23 -26.68 -0.60
CA SER A 591 11.50 -26.47 0.05
C SER A 591 11.37 -25.35 1.09
N HIS A 592 11.33 -25.74 2.36
CA HIS A 592 11.32 -24.82 3.51
C HIS A 592 10.22 -23.77 3.49
N THR A 593 9.00 -24.19 3.14
CA THR A 593 7.91 -23.24 3.05
C THR A 593 6.78 -23.57 4.04
N HIS A 594 7.12 -24.33 5.08
CA HIS A 594 6.13 -24.62 6.14
C HIS A 594 6.76 -24.30 7.50
N GLN A 595 6.54 -23.07 7.95
CA GLN A 595 7.00 -22.62 9.26
C GLN A 595 6.00 -23.11 10.31
N SER A 596 6.48 -23.48 11.50
CA SER A 596 5.56 -23.89 12.58
C SER A 596 4.90 -22.64 13.18
N ASN A 597 3.61 -22.73 13.50
CA ASN A 597 2.89 -21.59 14.10
C ASN A 597 2.71 -21.71 15.60
N PRO A 598 2.69 -20.58 16.29
CA PRO A 598 2.25 -20.63 17.69
C PRO A 598 0.75 -20.94 17.79
N ASP A 599 0.30 -21.22 19.01
CA ASP A 599 -1.12 -21.31 19.33
C ASP A 599 -1.62 -19.88 19.35
N PHE A 600 -2.39 -19.51 18.33
CA PHE A 600 -2.74 -18.10 18.17
C PHE A 600 -3.70 -17.62 19.24
N MET A 601 -4.51 -18.52 19.79
CA MET A 601 -5.44 -18.14 20.86
C MET A 601 -4.67 -17.87 22.15
N LYS A 602 -3.72 -18.73 22.49
CA LYS A 602 -2.90 -18.45 23.67
C LYS A 602 -2.01 -17.23 23.47
N LEU A 603 -1.53 -17.04 22.26
CA LEU A 603 -0.75 -15.85 21.94
C LEU A 603 -1.57 -14.58 22.21
N ALA A 604 -2.80 -14.55 21.70
CA ALA A 604 -3.67 -13.40 21.89
C ALA A 604 -3.88 -13.12 23.38
N GLU A 605 -4.16 -14.19 24.12
CA GLU A 605 -4.34 -14.08 25.56
C GLU A 605 -3.09 -13.47 26.21
N SER A 606 -1.91 -13.91 25.80
CA SER A 606 -0.68 -13.43 26.41
C SER A 606 -0.50 -11.93 26.11
N MET A 607 -1.06 -11.47 25.01
CA MET A 607 -0.90 -10.08 24.58
C MET A 607 -2.03 -9.20 25.09
N ASN A 608 -2.95 -9.79 25.86
CA ASN A 608 -4.12 -9.11 26.37
C ASN A 608 -5.07 -8.68 25.21
N VAL A 609 -5.18 -9.55 24.21
CA VAL A 609 -6.04 -9.30 23.07
C VAL A 609 -7.11 -10.38 23.02
N LYS A 610 -8.34 -10.01 22.67
CA LYS A 610 -9.42 -10.98 22.53
C LYS A 610 -9.08 -11.98 21.44
N GLY A 611 -9.38 -13.25 21.65
CA GLY A 611 -9.06 -14.23 20.62
C GLY A 611 -10.28 -15.02 20.18
N ILE A 612 -10.42 -15.23 18.88
CA ILE A 612 -11.52 -16.06 18.34
C ILE A 612 -10.90 -17.06 17.39
N ARG A 613 -11.35 -18.31 17.43
CA ARG A 613 -10.84 -19.29 16.47
C ARG A 613 -11.99 -19.94 15.72
N ILE A 614 -11.95 -19.87 14.41
CA ILE A 614 -12.96 -20.51 13.57
C ILE A 614 -12.32 -21.75 12.93
N THR A 615 -12.82 -22.94 13.25
CA THR A 615 -12.20 -24.16 12.76
C THR A 615 -13.02 -24.89 11.71
N ASN A 616 -14.30 -24.57 11.58
CA ASN A 616 -15.13 -25.29 10.60
C ASN A 616 -16.17 -24.37 9.97
N GLN A 617 -16.81 -24.87 8.91
CA GLN A 617 -17.73 -24.09 8.09
C GLN A 617 -18.89 -23.54 8.92
N GLN A 618 -19.33 -24.33 9.89
CA GLN A 618 -20.50 -23.96 10.67
C GLN A 618 -20.20 -22.85 11.69
N GLU A 619 -18.93 -22.49 11.88
CA GLU A 619 -18.59 -21.40 12.79
C GLU A 619 -18.26 -20.10 12.04
N LEU A 620 -18.26 -20.14 10.71
CA LEU A 620 -17.76 -19.01 9.94
C LEU A 620 -18.57 -17.72 10.20
N LYS A 621 -19.88 -17.79 9.98
CA LYS A 621 -20.70 -16.58 10.07
C LYS A 621 -20.69 -15.99 11.49
N SER A 622 -20.97 -16.82 12.48
CA SER A 622 -21.02 -16.31 13.86
C SER A 622 -19.65 -15.86 14.38
N GLY A 623 -18.58 -16.53 13.95
CA GLY A 623 -17.25 -16.13 14.40
C GLY A 623 -16.83 -14.81 13.78
N VAL A 624 -17.18 -14.62 12.51
CA VAL A 624 -16.85 -13.35 11.85
C VAL A 624 -17.71 -12.22 12.48
N LYS A 625 -18.94 -12.52 12.88
CA LYS A 625 -19.76 -11.49 13.52
CA LYS A 625 -19.78 -11.52 13.53
C LYS A 625 -19.16 -11.09 14.86
N GLU A 626 -18.67 -12.08 15.62
CA GLU A 626 -18.07 -11.78 16.92
C GLU A 626 -16.83 -10.92 16.75
N PHE A 627 -16.09 -11.19 15.69
CA PHE A 627 -14.87 -10.49 15.35
C PHE A 627 -15.16 -9.02 15.06
N LEU A 628 -16.14 -8.79 14.20
CA LEU A 628 -16.50 -7.44 13.82
C LEU A 628 -17.22 -6.66 14.94
N ASP A 629 -18.02 -7.36 15.73
CA ASP A 629 -18.71 -6.72 16.85
C ASP A 629 -17.77 -6.32 18.01
N ALA A 630 -16.58 -6.92 18.10
CA ALA A 630 -15.67 -6.61 19.22
C ALA A 630 -15.33 -5.12 19.28
N THR A 631 -15.20 -4.57 20.48
CA THR A 631 -14.83 -3.16 20.59
C THR A 631 -13.44 -3.00 21.20
N GLU A 632 -12.65 -4.06 21.12
CA GLU A 632 -11.30 -4.06 21.66
C GLU A 632 -10.42 -4.71 20.61
N PRO A 633 -9.09 -4.62 20.74
CA PRO A 633 -8.25 -5.35 19.79
C PRO A 633 -8.63 -6.84 19.78
N VAL A 634 -8.63 -7.46 18.61
CA VAL A 634 -9.10 -8.85 18.56
C VAL A 634 -8.32 -9.60 17.47
N LEU A 635 -7.93 -10.83 17.78
CA LEU A 635 -7.26 -11.70 16.82
C LEU A 635 -8.21 -12.86 16.50
N LEU A 636 -8.59 -12.96 15.23
CA LEU A 636 -9.40 -14.06 14.74
C LEU A 636 -8.48 -14.99 13.99
N GLU A 637 -8.42 -16.27 14.37
CA GLU A 637 -7.71 -17.25 13.57
C GLU A 637 -8.72 -18.08 12.78
N VAL A 638 -8.53 -18.25 11.48
CA VAL A 638 -9.45 -19.10 10.73
C VAL A 638 -8.63 -20.22 10.10
N ILE A 639 -9.02 -21.46 10.37
CA ILE A 639 -8.40 -22.59 9.73
C ILE A 639 -8.92 -22.68 8.29
N VAL A 640 -8.04 -22.58 7.29
CA VAL A 640 -8.54 -22.59 5.90
C VAL A 640 -7.85 -23.68 5.08
N GLU A 641 -8.47 -24.01 3.96
CA GLU A 641 -7.97 -25.03 3.04
C GLU A 641 -6.55 -24.71 2.62
N LYS A 642 -5.72 -25.74 2.59
CA LYS A 642 -4.32 -25.63 2.21
C LYS A 642 -4.09 -26.00 0.75
N LYS A 643 -2.97 -25.54 0.19
CA LYS A 643 -2.57 -25.92 -1.17
C LYS A 643 -3.68 -25.60 -2.16
N VAL A 644 -4.16 -24.37 -2.10
CA VAL A 644 -5.19 -23.83 -3.01
C VAL A 644 -4.56 -22.69 -3.78
N PRO A 645 -4.53 -22.77 -5.13
CA PRO A 645 -3.91 -21.63 -5.84
C PRO A 645 -4.81 -20.40 -5.95
N VAL A 646 -4.19 -19.22 -5.97
CA VAL A 646 -4.86 -17.99 -6.37
C VAL A 646 -5.00 -18.00 -7.88
N LEU A 647 -6.24 -17.89 -8.36
CA LEU A 647 -6.52 -17.78 -9.79
C LEU A 647 -7.53 -16.66 -9.98
N PRO A 648 -7.58 -16.05 -11.18
CA PRO A 648 -6.72 -16.29 -12.34
C PRO A 648 -5.28 -15.94 -12.08
N MET A 649 -4.42 -16.37 -12.99
CA MET A 649 -2.99 -16.12 -12.88
C MET A 649 -2.39 -15.98 -14.26
N VAL A 650 -1.66 -14.89 -14.46
CA VAL A 650 -0.85 -14.67 -15.66
C VAL A 650 0.58 -15.01 -15.27
N PRO A 651 1.05 -16.18 -15.73
CA PRO A 651 2.41 -16.58 -15.34
C PRO A 651 3.48 -15.70 -15.98
N ALA A 652 4.65 -15.63 -15.34
CA ALA A 652 5.81 -14.93 -15.89
C ALA A 652 6.05 -15.27 -17.36
N GLY A 653 6.28 -14.25 -18.17
CA GLY A 653 6.53 -14.47 -19.60
C GLY A 653 5.29 -14.43 -20.47
N LYS A 654 4.10 -14.54 -19.86
CA LYS A 654 2.88 -14.60 -20.66
C LYS A 654 2.22 -13.23 -20.83
N ALA A 655 1.51 -13.05 -21.96
CA ALA A 655 0.73 -11.84 -22.19
C ALA A 655 -0.39 -11.76 -21.15
N LEU A 656 -0.77 -10.53 -20.83
CA LEU A 656 -1.88 -10.29 -19.90
C LEU A 656 -3.15 -11.06 -20.16
N ASP A 657 -3.44 -11.35 -21.43
CA ASP A 657 -4.64 -12.12 -21.74
C ASP A 657 -4.36 -13.60 -21.96
N ASP A 658 -3.19 -14.05 -21.52
CA ASP A 658 -2.83 -15.46 -21.59
C ASP A 658 -2.82 -15.99 -20.15
N PHE A 659 -3.99 -16.10 -19.54
CA PHE A 659 -4.09 -16.37 -18.11
C PHE A 659 -4.53 -17.83 -17.85
N ILE A 660 -4.20 -18.34 -16.66
CA ILE A 660 -4.74 -19.59 -16.17
C ILE A 660 -6.04 -19.27 -15.45
N LEU A 661 -7.11 -20.00 -15.76
CA LEU A 661 -8.41 -19.83 -15.10
C LEU A 661 -8.70 -20.99 -14.18
N TRP A 662 -9.56 -20.77 -13.18
CA TRP A 662 -9.96 -21.87 -12.32
C TRP A 662 -10.76 -22.92 -13.09
N ASP A 663 -10.48 -24.20 -12.82
CA ASP A 663 -11.22 -25.31 -13.42
C ASP A 663 -11.35 -26.43 -12.38
N ALA A 664 -12.56 -26.91 -12.13
CA ALA A 664 -12.79 -27.85 -11.02
C ALA A 664 -12.04 -29.15 -11.24
N GLU A 665 -12.09 -29.65 -12.45
CA GLU A 665 -11.45 -30.91 -12.78
C GLU A 665 -9.93 -30.80 -12.75
N VAL A 666 -9.41 -29.70 -13.25
CA VAL A 666 -7.98 -29.46 -13.16
C VAL A 666 -7.53 -29.42 -11.71
N GLU A 667 -8.34 -28.82 -10.84
CA GLU A 667 -7.94 -28.71 -9.43
C GLU A 667 -7.89 -30.10 -8.78
N LYS A 668 -8.90 -30.93 -9.11
CA LYS A 668 -8.95 -32.31 -8.63
C LYS A 668 -7.69 -33.11 -9.06
N GLN A 669 -7.33 -33.00 -10.33
CA GLN A 669 -6.13 -33.67 -10.86
C GLN A 669 -4.87 -33.18 -10.18
N GLN A 670 -4.78 -31.86 -9.99
CA GLN A 670 -3.67 -31.26 -9.28
C GLN A 670 -3.54 -31.82 -7.87
N ASN A 671 -4.68 -31.96 -7.18
CA ASN A 671 -4.66 -32.50 -5.82
C ASN A 671 -4.14 -33.93 -5.81
N ASP A 672 -4.58 -34.72 -6.79
CA ASP A 672 -4.16 -36.11 -6.89
C ASP A 672 -2.68 -36.20 -7.20
N LEU A 673 -2.21 -35.35 -8.10
CA LEU A 673 -0.80 -35.32 -8.44
C LEU A 673 0.04 -34.90 -7.23
N ARG A 674 -0.43 -33.89 -6.49
CA ARG A 674 0.30 -33.44 -5.32
C ARG A 674 0.40 -34.56 -4.28
N LYS A 675 -0.72 -35.24 -4.07
CA LYS A 675 -0.78 -36.36 -3.14
C LYS A 675 0.20 -37.49 -3.53
N GLU A 676 0.16 -37.91 -4.80
CA GLU A 676 1.08 -38.95 -5.29
C GLU A 676 2.53 -38.50 -5.08
N ARG A 677 2.86 -37.31 -5.56
CA ARG A 677 4.23 -36.83 -5.50
C ARG A 677 4.77 -36.66 -4.09
N THR A 678 3.91 -36.37 -3.12
CA THR A 678 4.42 -36.13 -1.76
C THR A 678 4.14 -37.33 -0.85
N GLY A 679 3.79 -38.47 -1.46
CA GLY A 679 3.49 -39.66 -0.70
C GLY A 679 2.35 -39.46 0.30
N GLY A 680 1.45 -38.53 -0.02
CA GLY A 680 0.29 -38.27 0.80
C GLY A 680 0.50 -37.24 1.88
N LYS A 681 1.68 -36.62 1.91
CA LYS A 681 1.98 -35.63 2.92
C LYS A 681 1.22 -34.30 2.71
N TYR A 682 0.89 -33.95 1.48
CA TYR A 682 0.34 -32.62 1.17
C TYR A 682 -0.88 -32.65 0.25
PA FAD B . 2.19 3.01 -7.39
O1A FAD B . 2.20 3.86 -6.11
O2A FAD B . 3.22 1.92 -7.46
O5B FAD B . 2.41 3.99 -8.65
C5B FAD B . 1.61 5.20 -8.67
C4B FAD B . 2.06 6.02 -9.88
O4B FAD B . 1.26 7.21 -9.87
C3B FAD B . 3.50 6.47 -9.78
O3B FAD B . 4.14 6.49 -11.09
C2B FAD B . 3.40 7.80 -9.13
O2B FAD B . 4.53 8.66 -9.39
C1B FAD B . 2.15 8.34 -9.74
N9A FAD B . 1.53 9.32 -8.93
C8A FAD B . 1.57 9.43 -7.60
N7A FAD B . 0.88 10.51 -7.22
C5A FAD B . 0.40 11.14 -8.33
C6A FAD B . -0.36 12.31 -8.61
N6A FAD B . -0.82 13.12 -7.58
N1A FAD B . -0.65 12.60 -9.86
C2A FAD B . -0.23 11.85 -10.87
N3A FAD B . 0.49 10.74 -10.67
C4A FAD B . 0.83 10.37 -9.43
N1 FAD B . -0.89 -5.15 -8.51
C2 FAD B . -1.93 -5.21 -9.46
O2 FAD B . -2.42 -4.16 -9.83
N3 FAD B . -2.37 -6.40 -9.95
C4 FAD B . -1.85 -7.59 -9.51
O4 FAD B . -2.24 -8.66 -9.95
C4X FAD B . -0.74 -7.56 -8.51
N5 FAD B . -0.19 -8.73 -8.04
C5X FAD B . 0.55 -8.64 -6.88
C6 FAD B . 0.87 -9.81 -6.17
C7 FAD B . 1.62 -9.71 -5.00
C7M FAD B . 1.91 -11.00 -4.21
C8 FAD B . 2.06 -8.47 -4.52
C8M FAD B . 2.89 -8.37 -3.22
C9 FAD B . 1.77 -7.31 -5.22
C9A FAD B . 1.01 -7.40 -6.41
N10 FAD B . 0.69 -6.24 -7.09
C10 FAD B . -0.32 -6.34 -8.02
C1' FAD B . 1.11 -4.92 -6.68
C2' FAD B . 2.15 -4.33 -7.67
O2' FAD B . 3.40 -4.92 -7.39
C3' FAD B . 2.26 -2.75 -7.47
O3' FAD B . 2.47 -2.47 -6.14
C4' FAD B . 1.00 -2.03 -7.92
O4' FAD B . 0.43 -2.57 -9.12
C5' FAD B . 1.29 -0.57 -8.15
O5' FAD B . 0.05 0.08 -8.32
P FAD B . 0.06 1.63 -8.79
O1P FAD B . 0.81 1.81 -10.07
O2P FAD B . -1.38 2.12 -8.79
O3P FAD B . 0.75 2.41 -7.56
K K C . -13.68 -7.05 -5.87
MG MG D . -0.05 -19.05 5.02
N1' TP9 E . 10.22 -12.28 3.31
C2' TP9 E . 9.57 -11.15 3.40
CM2 TP9 E . 9.90 -10.19 4.51
N3' TP9 E . 8.61 -10.84 2.53
C4' TP9 E . 8.31 -11.67 1.52
N4' TP9 E . 7.30 -11.25 0.62
C5' TP9 E . 8.99 -12.90 1.38
C6' TP9 E . 9.97 -13.19 2.33
C7' TP9 E . 8.72 -13.91 0.26
N3 TP9 E . 7.33 -14.30 0.23
S1 TP9 E . 4.39 -14.35 0.13
C5 TP9 E . 5.41 -15.42 1.06
C4 TP9 E . 6.76 -15.31 1.04
CM4 TP9 E . 7.73 -16.20 1.79
C6 TP9 E . 4.59 -16.40 1.87
C7 TP9 E . 3.45 -15.72 2.62
O7 TP9 E . 2.87 -16.69 3.48
PA TP9 E . 1.64 -16.24 4.34
O1A TP9 E . 1.30 -17.42 5.21
O2A TP9 E . 1.91 -14.93 5.04
O3A TP9 E . 0.48 -15.99 3.28
PB TP9 E . -0.25 -17.06 2.36
O1B TP9 E . -1.68 -16.62 2.40
O2B TP9 E . 0.29 -16.96 0.95
O3B TP9 E . -0.17 -18.46 2.93
I01 H4V F . 6.45 -16.95 -4.81
C02 H4V F . 6.21 -15.51 -6.35
N03 H4V F . 7.21 -15.43 -7.24
C04 H4V F . 7.21 -14.59 -8.21
N05 H4V F . 8.32 -14.63 -9.04
C06 H4V F . 8.53 -13.83 -10.19
N07 H4V F . 9.76 -14.18 -10.72
S08 H4V F . 10.24 -13.42 -12.03
C09 H4V F . 10.26 -11.64 -11.87
C10 H4V F . 10.54 -10.94 -10.65
C11 H4V F . 10.79 -11.65 -9.35
O12 H4V F . 9.82 -11.58 -8.34
C13 H4V F . 10.22 -12.22 -7.14
O14 H4V F . 11.83 -12.28 -9.15
C15 H4V F . 10.50 -9.57 -10.59
C16 H4V F . 10.26 -8.83 -11.78
C17 H4V F . 10.03 -9.50 -12.98
C18 H4V F . 10.01 -10.89 -13.05
O19 H4V F . 11.53 -13.90 -12.30
O20 H4V F . 9.45 -13.76 -13.12
O21 H4V F . 7.77 -12.98 -10.70
N22 H4V F . 6.23 -13.74 -8.41
C23 H4V F . 5.16 -13.76 -7.55
O24 H4V F . 4.12 -12.84 -7.82
C25 H4V F . 3.19 -12.68 -6.76
C26 H4V F . 5.08 -14.64 -6.47
C CO2 G . 5.75 -12.72 -2.05
O1 CO2 G . 5.02 -13.10 -2.91
O2 CO2 G . 6.46 -12.40 -1.15
#